data_8ZSS
#
_entry.id   8ZSS
#
_cell.length_a   1.00
_cell.length_b   1.00
_cell.length_c   1.00
_cell.angle_alpha   90.00
_cell.angle_beta   90.00
_cell.angle_gamma   90.00
#
_symmetry.space_group_name_H-M   'P 1'
#
loop_
_entity.id
_entity.type
_entity.pdbx_description
1 polymer 'Guanine nucleotide-binding protein G(s) subunit alpha isoforms short'
2 polymer 'Guanine nucleotide-binding protein G(I)/G(S)/G(T) subunit beta-1'
3 polymer 'Guanine nucleotide-binding protein G(I)/G(S)/G(O) subunit gamma-2'
4 polymer Nb35
5 polymer 'Soluble cytochrome b562,Trace amine-associated receptor 1'
6 non-polymer (4~{S})-4-(3-fluoranyl-2-methyl-phenyl)-1,3-oxazolidin-2-amine
#
loop_
_entity_poly.entity_id
_entity_poly.type
_entity_poly.pdbx_seq_one_letter_code
_entity_poly.pdbx_strand_id
1 'polypeptide(L)'
;MGSTVSAEDKAAAERSKMIDKNLREDGEKAAAATHRLLLLGADNSGKSTIVKQMRIYHGGSGGSGVNSGIFETKFQVDKV
NFHMFDVGAQRDERRKWIQCFNDVTAIIFVVDSSDYNRLQEALNDFKSIWNNRWLRTISVILFLNKQDLLAEKVLAGKSK
IEDYFPEFARYTTPEDATPEPGEDPRVTRAKYFIRDEFLRISTASGDGRHYCYPHFTCSVDTENARRIFNDCRDIIQRMH
LRQYELL
;
A
2 'polypeptide(L)'
;MGSLLQSELDQLRQEAEQLKNQIRDARKACADATLSQITNNIDPVGRIQMRTRRTLRGHLAKIYAMHWGTDSRLLVSASQ
DGKLIIWDSYTTNKVHAIPLRSSWVMTCAYAPSGNYVACGGLDNICSIYNLKTREGNVRVSRELAGHTGYLSCCRFLDDN
QIVTSSGDTTCALWDIETGQQTTTFTGHTGDVMSLSLAPDTRLFVSGACDASAKLWDVREGMCRQTFTGHESDINAICFF
PNGNAFATGSDDATCRLFDLRADQELMTYSHDNIICGITSVSFSKSGRLLLAGYDDFNCNVWDALKADRAGVLAGHDNRV
SCLGVTDDGMAVATGSWDSFLKIWN
;
B
3 'polypeptide(L)' MASNNTASIAQARKLVEQLKMEANIDRIKVSKAAADLMAYCEAHAKEDPLLTPVPASENPFREKKFFCAIL G
4 'polypeptide(L)'
;MQVQLQESGGGLVQPGGSLRLSCAASGFTFSNYKMNWVRQAPGKGLEWVSDISQSGASISYTGSVKGRFTISRDNAKNTL
YLQMNSLKPEDTAVYYCARCPAPFTRDCFDVTSTTYAYRGQGTQVTVSSHHHHHHEPEA
;
N
5 'polypeptide(L)'
;MKTIIALSYIFCLVFADYKDDDDKHHHHHHHHHHLEVLFQGPADLEDNWETLNDNLKVIEKADNAAQVKDALTKMRAAAL
DAQKATPPKLEDKSPDSPEMKDFRHGFDILVGQIDDALKLANEGKVKEAQAAAEQLKTTRNAYIQKYLMGQPGNGSAMPF
CHNIINISCVKNNWSNDVRASLYSLMVLIILTTLVGNLIVIVSISHFKQLHTPTNWLIHSMATVDFLLGCLVMPYSMVRS
AEHCWYFGEVFCKIHTSTDIMLSSASIFHLSFISIDRYYAVCDPLRYKAKMNILVICVMIFISWSVPAVFAFGMIFLELN
FKGAEEIYYKHVHCRGGCSVFFSKISGVLTFMTSFYIPGSIMLCVYYRIYLIAKEQARLISDANQKLQIGLEMKNGISQS
KERKAVKTLGIVMGVFLICWCPFFICTVMDPFLHYIIPPTLNDVLIWFGYLNSTFNPMVYAFFYPWFRKALKMMLFGKIF
QKDSSRCKLFLELSS
;
R
#
# COMPACT_ATOMS: atom_id res chain seq x y z
N VAL A 5 9.57 -36.18 11.47
CA VAL A 5 9.83 -37.07 12.60
C VAL A 5 11.29 -37.50 12.57
N SER A 6 11.90 -37.43 11.39
CA SER A 6 13.29 -37.82 11.24
C SER A 6 14.21 -36.80 11.91
N ALA A 7 15.48 -37.16 12.03
CA ALA A 7 16.47 -36.23 12.57
C ALA A 7 16.62 -35.01 11.68
N GLU A 8 16.64 -35.21 10.36
CA GLU A 8 16.71 -34.09 9.43
C GLU A 8 15.47 -33.21 9.54
N ASP A 9 14.29 -33.83 9.69
CA ASP A 9 13.07 -33.05 9.85
C ASP A 9 13.09 -32.22 11.13
N LYS A 10 13.55 -32.81 12.23
CA LYS A 10 13.66 -32.08 13.48
C LYS A 10 14.65 -30.93 13.36
N ALA A 11 15.79 -31.17 12.68
CA ALA A 11 16.77 -30.11 12.48
C ALA A 11 16.19 -28.99 11.64
N ALA A 12 15.43 -29.32 10.60
CA ALA A 12 14.80 -28.30 9.77
C ALA A 12 13.77 -27.50 10.56
N ALA A 13 12.98 -28.17 11.39
CA ALA A 13 12.01 -27.45 12.22
C ALA A 13 12.69 -26.52 13.21
N GLU A 14 13.78 -26.99 13.84
CA GLU A 14 14.53 -26.14 14.75
C GLU A 14 15.13 -24.95 14.01
N ARG A 15 15.66 -25.19 12.81
CA ARG A 15 16.21 -24.10 12.02
C ARG A 15 15.15 -23.07 11.67
N SER A 16 13.95 -23.53 11.30
CA SER A 16 12.86 -22.62 11.04
C SER A 16 12.51 -21.81 12.29
N LYS A 17 12.53 -22.47 13.46
CA LYS A 17 12.23 -21.76 14.70
C LYS A 17 13.27 -20.66 14.97
N MET A 18 14.56 -20.97 14.81
CA MET A 18 15.55 -19.93 15.06
C MET A 18 15.50 -18.83 14.01
N ILE A 19 15.18 -19.16 12.76
CA ILE A 19 15.04 -18.13 11.73
C ILE A 19 13.90 -17.19 12.08
N ASP A 20 12.76 -17.75 12.50
CA ASP A 20 11.63 -16.92 12.90
C ASP A 20 12.00 -16.04 14.10
N LYS A 21 12.69 -16.64 15.06
CA LYS A 21 13.12 -15.84 16.24
C LYS A 21 13.97 -14.68 15.75
N ASN A 22 15.00 -14.96 14.97
CA ASN A 22 15.94 -13.93 14.54
C ASN A 22 15.24 -12.82 13.77
N LEU A 23 14.34 -13.19 12.86
CA LEU A 23 13.51 -12.20 12.20
C LEU A 23 12.77 -11.36 13.22
N ARG A 24 12.30 -11.99 14.29
CA ARG A 24 11.52 -11.26 15.29
C ARG A 24 12.35 -10.16 15.95
N GLU A 25 13.52 -10.53 16.50
CA GLU A 25 14.35 -9.54 17.23
C GLU A 25 14.82 -8.45 16.25
N ASP A 26 15.15 -8.83 15.03
CA ASP A 26 15.64 -7.87 14.03
C ASP A 26 14.55 -6.85 13.69
N GLY A 27 13.32 -7.34 13.46
CA GLY A 27 12.24 -6.43 13.17
C GLY A 27 11.89 -5.52 14.35
N GLU A 28 11.87 -6.08 15.56
CA GLU A 28 11.53 -5.27 16.72
C GLU A 28 12.62 -4.24 17.01
N LYS A 29 13.88 -4.55 16.69
CA LYS A 29 14.96 -3.60 16.89
C LYS A 29 14.98 -2.51 15.82
N ALA A 30 14.61 -2.86 14.58
CA ALA A 30 14.67 -1.89 13.50
C ALA A 30 13.42 -1.00 13.48
N ALA A 31 12.24 -1.61 13.37
CA ALA A 31 11.02 -0.85 13.12
C ALA A 31 10.52 -0.07 14.32
N ALA A 32 11.09 -0.29 15.51
CA ALA A 32 10.61 0.40 16.70
C ALA A 32 11.22 1.79 16.80
N ALA A 33 10.37 2.79 17.02
CA ALA A 33 10.76 4.18 17.19
C ALA A 33 11.53 4.72 15.98
N THR A 34 11.23 4.24 14.79
CA THR A 34 11.85 4.74 13.56
C THR A 34 10.76 5.13 12.57
N HIS A 35 11.10 6.10 11.72
CA HIS A 35 10.19 6.57 10.68
C HIS A 35 10.98 6.85 9.42
N ARG A 36 10.37 6.50 8.30
CA ARG A 36 11.08 6.65 7.02
C ARG A 36 10.48 7.82 6.24
N LEU A 37 11.34 8.69 5.73
CA LEU A 37 10.93 9.86 4.98
C LEU A 37 11.50 9.79 3.57
N LEU A 38 10.65 10.04 2.58
CA LEU A 38 11.11 10.09 1.17
C LEU A 38 11.32 11.55 0.79
N LEU A 39 12.55 11.94 0.47
CA LEU A 39 12.86 13.36 0.19
C LEU A 39 12.82 13.61 -1.32
N LEU A 40 11.98 14.55 -1.77
CA LEU A 40 11.83 14.80 -3.22
C LEU A 40 12.10 16.28 -3.52
N GLY A 41 12.08 16.66 -4.80
CA GLY A 41 12.36 18.02 -5.19
C GLY A 41 13.19 18.06 -6.45
N ALA A 42 13.82 19.21 -6.69
CA ALA A 42 14.62 19.44 -7.88
C ALA A 42 16.04 19.78 -7.49
N ASP A 43 16.93 19.78 -8.48
CA ASP A 43 18.37 20.00 -8.20
C ASP A 43 18.59 21.40 -7.62
N ASN A 44 17.97 22.43 -8.19
CA ASN A 44 18.23 23.78 -7.71
C ASN A 44 17.75 24.00 -6.29
N SER A 45 16.87 23.13 -5.78
CA SER A 45 16.37 23.26 -4.43
C SER A 45 17.41 22.81 -3.41
N GLY A 46 17.11 23.06 -2.14
CA GLY A 46 17.97 22.61 -1.05
C GLY A 46 17.76 21.14 -0.76
N LYS A 47 17.69 20.36 -1.84
CA LYS A 47 17.34 18.94 -1.76
C LYS A 47 18.23 18.20 -0.77
N SER A 48 19.54 18.46 -0.81
CA SER A 48 20.49 17.82 0.08
C SER A 48 20.88 18.70 1.27
N THR A 49 20.32 19.90 1.38
CA THR A 49 20.70 20.83 2.43
C THR A 49 19.54 21.21 3.35
N ILE A 50 18.41 20.51 3.27
CA ILE A 50 17.30 20.77 4.19
C ILE A 50 17.77 20.66 5.64
N VAL A 51 18.23 19.48 6.03
CA VAL A 51 18.65 19.22 7.41
C VAL A 51 20.17 19.35 7.43
N LYS A 52 20.65 20.50 7.92
CA LYS A 52 22.08 20.80 7.84
C LYS A 52 22.90 19.84 8.69
N GLN A 53 22.44 19.54 9.90
CA GLN A 53 23.17 18.71 10.84
C GLN A 53 22.68 17.26 10.73
N MET A 54 23.48 16.34 11.27
CA MET A 54 23.15 14.92 11.30
C MET A 54 22.94 14.36 9.89
N ARG A 55 24.02 14.40 9.11
CA ARG A 55 24.04 13.90 7.74
C ARG A 55 24.86 12.61 7.73
N GLY A 69 23.93 5.32 -5.70
CA GLY A 69 22.50 5.17 -5.89
C GLY A 69 21.68 5.98 -4.91
N ILE A 70 20.64 5.35 -4.35
CA ILE A 70 19.80 6.02 -3.36
C ILE A 70 20.65 6.51 -2.19
N PHE A 71 20.43 7.76 -1.79
CA PHE A 71 21.14 8.33 -0.66
C PHE A 71 20.45 7.90 0.63
N GLU A 72 20.91 8.41 1.75
CA GLU A 72 20.21 8.24 3.02
C GLU A 72 20.69 9.31 3.99
N THR A 73 19.88 9.55 5.02
CA THR A 73 20.23 10.51 6.06
C THR A 73 19.42 10.15 7.30
N LYS A 74 20.09 9.61 8.31
CA LYS A 74 19.43 9.23 9.55
C LYS A 74 19.69 10.29 10.61
N PHE A 75 18.62 10.88 11.12
CA PHE A 75 18.72 11.89 12.16
C PHE A 75 17.66 11.62 13.22
N GLN A 76 17.97 12.07 14.44
CA GLN A 76 17.01 11.89 15.55
C GLN A 76 16.78 13.26 16.19
N VAL A 77 15.54 13.54 16.58
CA VAL A 77 15.19 14.82 17.19
C VAL A 77 15.05 14.63 18.70
N ASP A 78 14.06 13.83 19.12
CA ASP A 78 13.86 13.50 20.53
C ASP A 78 13.62 11.99 20.62
N LYS A 79 14.71 11.23 20.66
CA LYS A 79 14.70 9.77 20.83
C LYS A 79 13.93 9.05 19.73
N VAL A 80 13.57 9.72 18.65
CA VAL A 80 12.82 9.12 17.55
C VAL A 80 13.71 9.11 16.32
N ASN A 81 13.74 7.95 15.65
CA ASN A 81 14.65 7.78 14.51
C ASN A 81 13.95 8.13 13.20
N PHE A 82 14.63 8.88 12.34
CA PHE A 82 14.12 9.26 11.04
C PHE A 82 15.13 8.84 9.97
N HIS A 83 14.64 8.05 9.01
CA HIS A 83 15.49 7.68 7.85
C HIS A 83 14.96 8.48 6.68
N MET A 84 15.77 9.38 6.13
CA MET A 84 15.34 10.31 5.05
C MET A 84 16.01 9.90 3.75
N PHE A 85 15.28 9.18 2.91
CA PHE A 85 15.81 8.68 1.65
C PHE A 85 15.78 9.77 0.58
N ASP A 86 16.83 9.79 -0.25
CA ASP A 86 16.98 10.77 -1.32
C ASP A 86 17.40 10.05 -2.59
N VAL A 87 16.41 9.66 -3.40
CA VAL A 87 16.70 9.01 -4.67
C VAL A 87 17.24 10.04 -5.65
N GLY A 88 18.44 9.81 -6.16
CA GLY A 88 19.05 10.75 -7.08
C GLY A 88 19.88 10.12 -8.17
N ALA A 89 19.68 8.83 -8.43
CA ALA A 89 20.47 8.11 -9.41
C ALA A 89 19.67 7.54 -10.57
N GLN A 90 18.35 7.45 -10.39
CA GLN A 90 17.48 6.82 -11.43
C GLN A 90 17.24 7.78 -12.60
N ARG A 91 16.52 7.32 -13.61
CA ARG A 91 16.20 8.14 -14.81
C ARG A 91 15.10 9.15 -14.47
N ASP A 92 14.76 10.03 -15.40
CA ASP A 92 13.77 11.07 -15.19
C ASP A 92 12.39 10.47 -14.92
N GLU A 93 12.05 9.38 -15.62
CA GLU A 93 10.74 8.76 -15.46
C GLU A 93 10.66 8.12 -14.08
N ARG A 94 9.96 8.80 -13.17
CA ARG A 94 9.85 8.37 -11.77
C ARG A 94 8.48 7.79 -11.44
N ARG A 95 7.68 7.46 -12.45
CA ARG A 95 6.34 6.96 -12.20
C ARG A 95 6.34 5.53 -11.67
N LYS A 96 7.47 4.84 -11.67
CA LYS A 96 7.55 3.44 -11.29
C LYS A 96 8.29 3.21 -9.99
N TRP A 97 9.53 3.71 -9.88
CA TRP A 97 10.31 3.42 -8.69
C TRP A 97 9.80 4.13 -7.44
N ILE A 98 8.90 5.11 -7.59
CA ILE A 98 8.35 5.79 -6.42
C ILE A 98 7.25 4.96 -5.78
N GLN A 99 6.82 3.89 -6.43
CA GLN A 99 5.84 2.98 -5.83
C GLN A 99 6.40 2.27 -4.61
N CYS A 100 7.73 2.19 -4.48
CA CYS A 100 8.32 1.52 -3.32
C CYS A 100 8.09 2.33 -2.05
N PHE A 101 8.06 3.65 -2.16
CA PHE A 101 7.84 4.51 -1.00
C PHE A 101 6.35 4.77 -0.76
N ASN A 102 5.58 3.69 -0.69
CA ASN A 102 4.15 3.77 -0.44
C ASN A 102 3.80 3.61 1.03
N ASP A 103 4.82 3.51 1.90
CA ASP A 103 4.57 3.29 3.35
C ASP A 103 5.23 4.38 4.18
N VAL A 104 6.06 5.21 3.57
CA VAL A 104 6.77 6.22 4.34
C VAL A 104 5.77 7.08 5.10
N THR A 105 6.20 7.63 6.23
CA THR A 105 5.31 8.47 7.02
C THR A 105 4.96 9.75 6.28
N ALA A 106 5.95 10.38 5.65
CA ALA A 106 5.74 11.64 4.97
C ALA A 106 6.62 11.70 3.73
N ILE A 107 6.47 12.79 2.98
CA ILE A 107 7.33 13.09 1.84
C ILE A 107 7.82 14.52 2.03
N ILE A 108 9.14 14.70 2.10
CA ILE A 108 9.72 16.01 2.35
C ILE A 108 9.91 16.66 0.98
N PHE A 109 8.83 17.28 0.48
CA PHE A 109 8.90 18.00 -0.78
C PHE A 109 9.63 19.32 -0.56
N VAL A 110 10.56 19.63 -1.45
CA VAL A 110 11.36 20.84 -1.36
C VAL A 110 11.17 21.63 -2.64
N VAL A 111 10.87 22.92 -2.51
CA VAL A 111 10.52 23.77 -3.64
C VAL A 111 11.50 24.94 -3.70
N ASP A 112 11.97 25.25 -4.90
CA ASP A 112 12.84 26.39 -5.13
C ASP A 112 11.95 27.60 -5.44
N SER A 113 11.56 28.30 -4.36
CA SER A 113 10.59 29.39 -4.50
C SER A 113 11.17 30.57 -5.29
N SER A 114 12.50 30.71 -5.31
CA SER A 114 13.10 31.85 -5.98
C SER A 114 12.86 31.80 -7.48
N ASP A 115 13.11 30.65 -8.11
CA ASP A 115 12.98 30.51 -9.55
C ASP A 115 11.55 30.12 -9.89
N TYR A 116 10.81 31.06 -10.48
CA TYR A 116 9.41 30.81 -10.82
C TYR A 116 9.25 29.96 -12.08
N ASN A 117 10.29 29.86 -12.90
CA ASN A 117 10.16 29.15 -14.17
C ASN A 117 9.88 27.66 -13.96
N ARG A 118 10.62 27.04 -13.04
CA ARG A 118 10.43 25.64 -12.70
C ARG A 118 9.37 25.43 -11.62
N LEU A 119 8.83 26.51 -11.08
CA LEU A 119 7.85 26.40 -10.01
C LEU A 119 6.55 25.78 -10.50
N GLN A 120 6.21 26.01 -11.78
CA GLN A 120 5.01 25.38 -12.32
C GLN A 120 5.15 23.87 -12.43
N GLU A 121 6.32 23.38 -12.86
CA GLU A 121 6.49 21.93 -12.88
C GLU A 121 6.68 21.38 -11.47
N ALA A 122 7.10 22.21 -10.52
CA ALA A 122 7.03 21.80 -9.12
C ALA A 122 5.59 21.58 -8.68
N LEU A 123 4.68 22.48 -9.07
CA LEU A 123 3.26 22.24 -8.84
C LEU A 123 2.77 20.97 -9.53
N ASN A 124 3.23 20.73 -10.75
CA ASN A 124 2.80 19.53 -11.47
C ASN A 124 3.27 18.27 -10.74
N ASP A 125 4.52 18.27 -10.27
CA ASP A 125 5.03 17.14 -9.49
C ASP A 125 4.22 16.97 -8.22
N PHE A 126 3.90 18.08 -7.55
CA PHE A 126 3.11 17.99 -6.32
C PHE A 126 1.74 17.39 -6.57
N LYS A 127 1.11 17.78 -7.68
CA LYS A 127 -0.27 17.29 -7.97
C LYS A 127 -0.20 15.82 -8.37
N SER A 128 0.87 15.42 -9.07
CA SER A 128 1.03 14.02 -9.44
C SER A 128 1.29 13.15 -8.22
N ILE A 129 2.09 13.64 -7.28
CA ILE A 129 2.32 12.91 -6.03
C ILE A 129 1.04 12.82 -5.22
N TRP A 130 0.29 13.93 -5.12
CA TRP A 130 -0.92 13.94 -4.33
C TRP A 130 -1.96 12.97 -4.89
N ASN A 131 -2.14 12.97 -6.21
CA ASN A 131 -3.21 12.19 -6.82
C ASN A 131 -2.79 10.78 -7.20
N ASN A 132 -1.56 10.38 -6.90
CA ASN A 132 -1.11 9.03 -7.21
C ASN A 132 -1.85 8.03 -6.35
N ARG A 133 -2.17 6.87 -6.92
CA ARG A 133 -2.97 5.86 -6.18
C ARG A 133 -2.16 5.29 -5.02
N TRP A 134 -0.86 5.15 -5.20
CA TRP A 134 -0.03 4.54 -4.16
C TRP A 134 0.52 5.56 -3.18
N LEU A 135 0.71 6.80 -3.61
CA LEU A 135 1.11 7.89 -2.73
C LEU A 135 -0.09 8.63 -2.14
N ARG A 136 -1.28 8.04 -2.21
CA ARG A 136 -2.48 8.74 -1.76
C ARG A 136 -2.45 8.98 -0.26
N THR A 137 -2.18 7.93 0.52
CA THR A 137 -2.14 8.08 1.98
C THR A 137 -0.72 8.36 2.48
N ILE A 138 -0.08 9.36 1.88
CA ILE A 138 1.26 9.77 2.27
C ILE A 138 1.25 11.29 2.39
N SER A 139 1.36 11.80 3.61
CA SER A 139 1.37 13.23 3.81
C SER A 139 2.66 13.83 3.27
N VAL A 140 2.64 15.13 3.03
CA VAL A 140 3.77 15.86 2.47
C VAL A 140 4.12 17.01 3.40
N ILE A 141 5.40 17.09 3.77
CA ILE A 141 5.91 18.17 4.61
C ILE A 141 6.56 19.17 3.66
N LEU A 142 5.76 20.12 3.20
CA LEU A 142 6.15 21.01 2.10
C LEU A 142 7.13 22.07 2.62
N PHE A 143 8.36 22.03 2.12
CA PHE A 143 9.40 22.97 2.54
C PHE A 143 9.61 23.99 1.43
N LEU A 144 9.00 25.16 1.58
CA LEU A 144 9.23 26.25 0.64
C LEU A 144 10.62 26.83 0.91
N ASN A 145 11.59 26.47 0.08
CA ASN A 145 12.97 26.82 0.32
C ASN A 145 13.36 28.10 -0.42
N LYS A 146 14.60 28.54 -0.21
CA LYS A 146 15.16 29.72 -0.84
C LYS A 146 14.31 30.96 -0.58
N GLN A 147 13.83 31.09 0.67
CA GLN A 147 13.02 32.24 1.02
C GLN A 147 13.82 33.54 0.93
N ASP A 148 15.09 33.50 1.34
CA ASP A 148 15.93 34.68 1.21
C ASP A 148 16.12 35.08 -0.24
N LEU A 149 16.37 34.09 -1.11
CA LEU A 149 16.51 34.39 -2.53
C LEU A 149 15.23 34.97 -3.11
N LEU A 150 14.08 34.44 -2.68
CA LEU A 150 12.80 35.03 -3.06
C LEU A 150 12.70 36.48 -2.61
N ALA A 151 13.17 36.75 -1.39
CA ALA A 151 13.12 38.11 -0.86
C ALA A 151 13.96 39.07 -1.71
N GLU A 152 15.20 38.69 -2.02
CA GLU A 152 16.01 39.56 -2.87
C GLU A 152 15.41 39.71 -4.26
N LYS A 153 14.85 38.64 -4.82
CA LYS A 153 14.25 38.75 -6.15
C LYS A 153 13.08 39.73 -6.15
N VAL A 154 12.19 39.62 -5.16
CA VAL A 154 11.02 40.49 -5.14
C VAL A 154 11.40 41.93 -4.81
N LEU A 155 12.41 42.13 -3.95
CA LEU A 155 12.88 43.50 -3.71
C LEU A 155 13.49 44.11 -4.95
N ALA A 156 14.26 43.33 -5.72
CA ALA A 156 14.79 43.84 -6.98
C ALA A 156 13.67 44.17 -7.95
N GLY A 157 12.67 43.29 -8.04
CA GLY A 157 11.51 43.56 -8.88
C GLY A 157 11.75 43.41 -10.36
N LYS A 158 12.92 42.93 -10.77
CA LYS A 158 13.19 42.75 -12.20
C LYS A 158 12.26 41.72 -12.81
N SER A 159 12.00 40.63 -12.09
CA SER A 159 11.07 39.59 -12.53
C SER A 159 9.83 39.66 -11.65
N LYS A 160 8.66 39.76 -12.29
CA LYS A 160 7.40 39.87 -11.60
C LYS A 160 6.66 38.54 -11.66
N ILE A 161 6.15 38.09 -10.51
CA ILE A 161 5.47 36.81 -10.44
C ILE A 161 4.17 36.83 -11.22
N GLU A 162 3.64 38.02 -11.52
CA GLU A 162 2.41 38.12 -12.31
C GLU A 162 2.60 37.52 -13.70
N ASP A 163 3.79 37.66 -14.29
CA ASP A 163 4.04 37.11 -15.62
C ASP A 163 3.91 35.59 -15.62
N TYR A 164 4.48 34.93 -14.62
CA TYR A 164 4.41 33.47 -14.54
C TYR A 164 3.09 32.97 -13.99
N PHE A 165 2.34 33.82 -13.29
CA PHE A 165 1.02 33.44 -12.79
C PHE A 165 0.07 34.63 -12.86
N PRO A 166 -0.91 34.61 -13.76
CA PRO A 166 -1.88 35.72 -13.83
C PRO A 166 -2.84 35.77 -12.65
N GLU A 167 -2.91 34.74 -11.82
CA GLU A 167 -3.79 34.76 -10.66
C GLU A 167 -3.22 35.57 -9.51
N PHE A 168 -1.99 36.07 -9.63
CA PHE A 168 -1.42 36.90 -8.56
C PHE A 168 -2.15 38.24 -8.46
N ALA A 169 -2.71 38.73 -9.57
CA ALA A 169 -3.37 40.03 -9.55
C ALA A 169 -4.60 40.01 -8.64
N ARG A 170 -5.43 38.96 -8.77
CA ARG A 170 -6.65 38.89 -7.97
C ARG A 170 -6.44 38.19 -6.63
N TYR A 171 -5.21 37.76 -6.34
CA TYR A 171 -4.93 37.15 -5.03
C TYR A 171 -4.86 38.23 -3.95
N THR A 172 -5.17 37.81 -2.72
CA THR A 172 -5.04 38.65 -1.55
C THR A 172 -4.32 37.87 -0.45
N THR A 173 -3.51 38.57 0.33
CA THR A 173 -2.80 37.91 1.41
C THR A 173 -3.79 37.40 2.46
N PRO A 174 -3.58 36.20 2.99
CA PRO A 174 -4.52 35.66 3.97
C PRO A 174 -4.51 36.47 5.26
N GLU A 175 -5.67 36.49 5.92
CA GLU A 175 -5.77 37.20 7.19
C GLU A 175 -5.04 36.46 8.30
N ASP A 176 -5.06 35.13 8.25
CA ASP A 176 -4.37 34.31 9.25
C ASP A 176 -2.86 34.33 9.10
N ALA A 177 -2.34 34.92 8.02
CA ALA A 177 -0.90 34.97 7.82
C ALA A 177 -0.22 35.73 8.95
N THR A 178 0.95 35.24 9.36
CA THR A 178 1.70 35.83 10.47
C THR A 178 2.99 36.43 9.93
N PRO A 179 3.05 37.75 9.71
CA PRO A 179 4.28 38.35 9.21
C PRO A 179 5.43 38.16 10.18
N GLU A 180 6.62 37.95 9.62
CA GLU A 180 7.83 37.86 10.42
C GLU A 180 8.22 39.25 10.93
N PRO A 181 9.08 39.32 11.97
CA PRO A 181 9.50 40.62 12.50
C PRO A 181 9.99 41.58 11.43
N GLY A 182 10.79 41.09 10.49
CA GLY A 182 11.18 41.89 9.35
C GLY A 182 10.83 41.25 8.03
N GLU A 183 9.82 41.79 7.35
CA GLU A 183 9.40 41.31 6.03
C GLU A 183 8.63 42.41 5.33
N ASP A 184 8.92 42.58 4.04
CA ASP A 184 8.11 43.48 3.22
C ASP A 184 6.74 42.83 2.96
N PRO A 185 5.67 43.63 2.93
CA PRO A 185 4.37 43.06 2.57
C PRO A 185 4.37 42.39 1.20
N ARG A 186 5.19 42.88 0.27
CA ARG A 186 5.26 42.19 -1.05
C ARG A 186 5.93 40.82 -0.86
N VAL A 187 6.95 40.73 0.01
CA VAL A 187 7.58 39.43 0.28
C VAL A 187 6.56 38.48 0.87
N THR A 188 5.81 38.95 1.87
CA THR A 188 4.81 38.11 2.52
C THR A 188 3.76 37.65 1.52
N ARG A 189 3.33 38.57 0.66
CA ARG A 189 2.26 38.23 -0.32
C ARG A 189 2.81 37.17 -1.29
N ALA A 190 4.04 37.34 -1.76
CA ALA A 190 4.59 36.39 -2.71
C ALA A 190 4.74 35.00 -2.09
N LYS A 191 5.36 34.93 -0.91
CA LYS A 191 5.60 33.62 -0.30
C LYS A 191 4.29 32.93 0.04
N TYR A 192 3.33 33.66 0.60
CA TYR A 192 2.04 33.04 0.89
C TYR A 192 1.25 32.74 -0.38
N PHE A 193 1.51 33.45 -1.48
CA PHE A 193 0.87 33.07 -2.74
C PHE A 193 1.39 31.72 -3.22
N ILE A 194 2.71 31.50 -3.12
CA ILE A 194 3.24 30.17 -3.46
C ILE A 194 2.65 29.12 -2.53
N ARG A 195 2.59 29.42 -1.23
CA ARG A 195 2.06 28.47 -0.27
C ARG A 195 0.62 28.11 -0.59
N ASP A 196 -0.20 29.12 -0.91
CA ASP A 196 -1.61 28.87 -1.22
C ASP A 196 -1.77 28.17 -2.56
N GLU A 197 -0.89 28.45 -3.52
CA GLU A 197 -0.95 27.73 -4.79
C GLU A 197 -0.68 26.25 -4.58
N PHE A 198 0.20 25.92 -3.64
CA PHE A 198 0.41 24.50 -3.32
C PHE A 198 -0.76 23.92 -2.55
N LEU A 199 -1.31 24.66 -1.58
CA LEU A 199 -2.45 24.12 -0.84
C LEU A 199 -3.71 24.04 -1.69
N ARG A 200 -3.79 24.74 -2.81
CA ARG A 200 -4.92 24.54 -3.71
C ARG A 200 -4.98 23.08 -4.15
N ILE A 201 -3.84 22.56 -4.61
CA ILE A 201 -3.77 21.13 -5.01
C ILE A 201 -3.91 20.27 -3.76
N SER A 202 -3.32 20.71 -2.64
CA SER A 202 -3.37 19.89 -1.43
C SER A 202 -4.81 19.64 -0.97
N THR A 203 -5.66 20.67 -1.05
CA THR A 203 -7.03 20.58 -0.59
C THR A 203 -8.02 20.22 -1.69
N ALA A 204 -7.60 20.21 -2.95
CA ALA A 204 -8.50 19.81 -4.03
C ALA A 204 -8.97 18.37 -3.85
N SER A 205 -8.04 17.43 -3.89
CA SER A 205 -8.42 16.00 -3.80
C SER A 205 -7.79 15.33 -2.58
N GLY A 206 -8.29 15.64 -1.39
CA GLY A 206 -7.78 14.96 -0.17
C GLY A 206 -8.82 14.00 0.38
N ASP A 207 -8.44 12.75 0.62
CA ASP A 207 -9.37 11.75 1.21
C ASP A 207 -9.29 11.87 2.73
N GLY A 208 -8.62 12.92 3.22
CA GLY A 208 -8.42 13.04 4.67
C GLY A 208 -7.41 12.03 5.14
N ARG A 209 -6.91 11.16 4.26
CA ARG A 209 -5.88 10.24 4.67
C ARG A 209 -4.49 10.87 4.70
N HIS A 210 -4.35 12.09 4.21
CA HIS A 210 -3.05 12.77 4.20
C HIS A 210 -3.29 14.26 4.11
N TYR A 211 -2.28 15.03 4.54
CA TYR A 211 -2.37 16.47 4.62
C TYR A 211 -1.02 17.06 4.25
N CYS A 212 -1.04 18.25 3.65
CA CYS A 212 0.19 18.97 3.35
C CYS A 212 0.51 19.93 4.48
N TYR A 213 1.78 19.97 4.87
CA TYR A 213 2.23 20.80 5.99
C TYR A 213 3.25 21.82 5.49
N PRO A 214 2.82 23.05 5.20
CA PRO A 214 3.77 24.04 4.70
C PRO A 214 4.75 24.48 5.78
N HIS A 215 5.97 24.79 5.37
CA HIS A 215 7.00 25.25 6.30
C HIS A 215 8.01 26.07 5.50
N PHE A 216 7.93 27.38 5.62
CA PHE A 216 8.89 28.25 4.94
C PHE A 216 10.26 28.09 5.56
N THR A 217 11.22 27.63 4.77
CA THR A 217 12.56 27.32 5.27
C THR A 217 13.61 28.02 4.41
N CYS A 218 14.78 28.20 5.02
CA CYS A 218 15.93 28.79 4.35
C CYS A 218 17.11 27.83 4.45
N SER A 219 18.14 28.08 3.63
CA SER A 219 19.31 27.22 3.64
C SER A 219 20.07 27.32 4.95
N VAL A 220 19.90 28.43 5.69
CA VAL A 220 20.61 28.62 6.96
C VAL A 220 19.78 28.23 8.16
N ASP A 221 18.52 27.83 7.97
CA ASP A 221 17.67 27.45 9.08
C ASP A 221 18.17 26.17 9.73
N THR A 222 18.09 26.13 11.06
CA THR A 222 18.50 24.96 11.83
C THR A 222 17.33 24.18 12.40
N GLU A 223 16.12 24.73 12.37
CA GLU A 223 14.95 24.11 12.98
C GLU A 223 14.21 23.18 12.04
N ASN A 224 14.81 22.79 10.91
CA ASN A 224 14.13 21.91 9.98
C ASN A 224 13.89 20.53 10.58
N ALA A 225 14.84 20.02 11.36
CA ALA A 225 14.65 18.74 12.01
C ALA A 225 13.49 18.79 12.99
N ARG A 226 13.40 19.86 13.78
CA ARG A 226 12.29 20.01 14.71
C ARG A 226 10.97 20.15 13.96
N ARG A 227 10.98 20.87 12.84
CA ARG A 227 9.78 21.01 12.02
C ARG A 227 9.30 19.65 11.52
N ILE A 228 10.22 18.84 11.00
CA ILE A 228 9.85 17.51 10.52
C ILE A 228 9.36 16.65 11.67
N PHE A 229 10.00 16.77 12.83
CA PHE A 229 9.57 16.00 13.99
C PHE A 229 8.14 16.33 14.38
N ASN A 230 7.83 17.62 14.52
CA ASN A 230 6.48 18.03 14.90
C ASN A 230 5.47 17.64 13.83
N ASP A 231 5.82 17.80 12.57
CA ASP A 231 4.89 17.47 11.49
C ASP A 231 4.62 15.97 11.43
N CYS A 232 5.65 15.14 11.59
CA CYS A 232 5.44 13.71 11.60
C CYS A 232 4.65 13.29 12.84
N ARG A 233 4.86 13.97 13.97
CA ARG A 233 4.06 13.70 15.15
C ARG A 233 2.60 13.98 14.88
N ASP A 234 2.29 15.10 14.23
CA ASP A 234 0.91 15.41 13.87
C ASP A 234 0.35 14.40 12.88
N ILE A 235 1.17 13.97 11.92
CA ILE A 235 0.71 13.01 10.91
C ILE A 235 0.32 11.69 11.58
N ILE A 236 1.20 11.18 12.45
CA ILE A 236 0.93 9.91 13.10
C ILE A 236 -0.22 10.05 14.09
N GLN A 237 -0.32 11.19 14.78
CA GLN A 237 -1.43 11.41 15.68
C GLN A 237 -2.75 11.41 14.94
N ARG A 238 -2.81 12.07 13.79
CA ARG A 238 -4.05 12.10 13.02
C ARG A 238 -4.36 10.72 12.45
N MET A 239 -3.33 9.97 12.04
CA MET A 239 -3.57 8.60 11.57
C MET A 239 -4.13 7.73 12.68
N HIS A 240 -3.59 7.87 13.90
CA HIS A 240 -4.10 7.11 15.04
C HIS A 240 -5.54 7.51 15.36
N LEU A 241 -5.83 8.81 15.33
CA LEU A 241 -7.20 9.26 15.59
C LEU A 241 -8.16 8.71 14.54
N ARG A 242 -7.75 8.71 13.27
CA ARG A 242 -8.59 8.14 12.22
C ARG A 242 -8.79 6.65 12.41
N GLN A 243 -7.73 5.94 12.81
CA GLN A 243 -7.84 4.50 13.03
C GLN A 243 -8.78 4.19 14.19
N TYR A 244 -8.73 5.00 15.25
CA TYR A 244 -9.58 4.83 16.41
C TYR A 244 -10.90 5.59 16.27
N GLU A 245 -11.26 6.01 15.06
CA GLU A 245 -12.53 6.65 14.74
C GLU A 245 -12.72 7.98 15.45
N LEU A 246 -11.67 8.56 16.03
CA LEU A 246 -11.77 9.86 16.67
C LEU A 246 -11.61 11.01 15.69
N LEU A 247 -11.48 10.72 14.39
CA LEU A 247 -11.30 11.75 13.38
C LEU A 247 -11.71 11.23 12.02
N GLU B 8 17.58 15.41 -43.23
CA GLU B 8 18.30 14.16 -43.04
C GLU B 8 17.55 13.22 -42.10
N LEU B 9 16.75 13.81 -41.22
CA LEU B 9 15.95 13.03 -40.27
C LEU B 9 14.55 12.73 -40.80
N ASP B 10 13.97 13.65 -41.58
CA ASP B 10 12.64 13.42 -42.13
C ASP B 10 12.64 12.24 -43.10
N GLN B 11 13.70 12.12 -43.91
CA GLN B 11 13.78 11.00 -44.84
C GLN B 11 13.83 9.67 -44.10
N LEU B 12 14.64 9.58 -43.04
CA LEU B 12 14.72 8.35 -42.27
C LEU B 12 13.42 8.08 -41.53
N ARG B 13 12.72 9.12 -41.06
CA ARG B 13 11.42 8.92 -40.45
C ARG B 13 10.41 8.38 -41.45
N GLN B 14 10.44 8.89 -42.69
CA GLN B 14 9.57 8.35 -43.74
C GLN B 14 9.90 6.89 -44.03
N GLU B 15 11.18 6.56 -44.10
CA GLU B 15 11.57 5.16 -44.31
C GLU B 15 11.07 4.28 -43.18
N ALA B 16 11.21 4.72 -41.94
CA ALA B 16 10.72 3.94 -40.81
C ALA B 16 9.21 3.80 -40.87
N GLU B 17 8.51 4.85 -41.28
CA GLU B 17 7.06 4.78 -41.44
C GLU B 17 6.67 3.73 -42.47
N GLN B 18 7.39 3.68 -43.59
CA GLN B 18 7.01 2.73 -44.63
C GLN B 18 7.39 1.30 -44.24
N LEU B 19 8.49 1.10 -43.49
CA LEU B 19 8.76 -0.23 -42.95
C LEU B 19 7.68 -0.65 -41.97
N LYS B 20 7.21 0.27 -41.11
CA LYS B 20 6.13 -0.06 -40.20
C LYS B 20 4.86 -0.40 -40.95
N ASN B 21 4.57 0.33 -42.03
CA ASN B 21 3.41 0.01 -42.86
C ASN B 21 3.54 -1.37 -43.48
N GLN B 22 4.74 -1.72 -43.95
CA GLN B 22 4.96 -3.06 -44.48
C GLN B 22 4.73 -4.12 -43.42
N ILE B 23 5.23 -3.88 -42.20
CA ILE B 23 5.09 -4.87 -41.13
C ILE B 23 3.62 -5.05 -40.77
N ARG B 24 2.88 -3.95 -40.63
CA ARG B 24 1.48 -4.07 -40.26
C ARG B 24 0.66 -4.71 -41.39
N ASP B 25 1.01 -4.42 -42.65
CA ASP B 25 0.32 -5.07 -43.75
C ASP B 25 0.59 -6.57 -43.77
N ALA B 26 1.83 -6.97 -43.50
CA ALA B 26 2.16 -8.39 -43.43
C ALA B 26 1.40 -9.06 -42.30
N ARG B 27 1.31 -8.40 -41.15
CA ARG B 27 0.55 -8.96 -40.03
C ARG B 27 -0.92 -9.10 -40.37
N LYS B 28 -1.50 -8.10 -41.03
CA LYS B 28 -2.90 -8.20 -41.44
C LYS B 28 -3.11 -9.33 -42.42
N ALA B 29 -2.17 -9.50 -43.36
CA ALA B 29 -2.28 -10.60 -44.32
C ALA B 29 -2.21 -11.95 -43.62
N CYS B 30 -1.30 -12.09 -42.65
CA CYS B 30 -1.18 -13.35 -41.93
C CYS B 30 -2.34 -13.59 -40.98
N ALA B 31 -3.08 -12.54 -40.59
CA ALA B 31 -4.20 -12.68 -39.67
C ALA B 31 -5.41 -13.28 -40.40
N ASP B 32 -5.30 -14.58 -40.69
CA ASP B 32 -6.42 -15.28 -41.34
C ASP B 32 -7.59 -15.42 -40.40
N ALA B 33 -7.36 -15.89 -39.17
CA ALA B 33 -8.43 -16.10 -38.21
C ALA B 33 -7.84 -16.10 -36.81
N THR B 34 -8.61 -15.56 -35.86
CA THR B 34 -8.18 -15.47 -34.47
C THR B 34 -8.46 -16.78 -33.74
N LEU B 35 -7.65 -17.05 -32.72
CA LEU B 35 -7.83 -18.27 -31.92
C LEU B 35 -9.24 -18.32 -31.30
N SER B 36 -9.79 -17.16 -30.95
CA SER B 36 -11.16 -17.14 -30.43
C SER B 36 -12.15 -17.64 -31.48
N GLN B 37 -11.97 -17.23 -32.73
CA GLN B 37 -12.84 -17.69 -33.79
C GLN B 37 -12.60 -19.16 -34.13
N ILE B 38 -11.37 -19.64 -33.97
CA ILE B 38 -11.07 -21.03 -34.29
C ILE B 38 -11.41 -21.97 -33.14
N THR B 39 -11.71 -21.43 -31.96
CA THR B 39 -11.93 -22.32 -30.78
C THR B 39 -13.39 -22.29 -30.31
N ASN B 40 -14.30 -21.68 -31.07
CA ASN B 40 -15.68 -21.54 -30.60
C ASN B 40 -16.31 -22.88 -30.26
N ASN B 41 -15.81 -23.97 -30.81
CA ASN B 41 -16.35 -25.31 -30.57
C ASN B 41 -15.70 -26.00 -29.38
N ILE B 42 -14.74 -25.37 -28.72
CA ILE B 42 -14.02 -26.01 -27.63
C ILE B 42 -14.90 -26.07 -26.39
N ASP B 43 -14.88 -27.23 -25.73
CA ASP B 43 -15.60 -27.35 -24.46
C ASP B 43 -14.97 -26.44 -23.41
N PRO B 44 -15.78 -25.78 -22.59
CA PRO B 44 -15.22 -24.88 -21.57
C PRO B 44 -14.43 -25.65 -20.52
N VAL B 45 -13.42 -24.97 -19.97
CA VAL B 45 -12.62 -25.57 -18.90
C VAL B 45 -13.46 -25.75 -17.65
N GLY B 46 -14.27 -24.75 -17.30
CA GLY B 46 -15.07 -24.78 -16.10
C GLY B 46 -14.47 -23.91 -15.01
N ARG B 47 -15.15 -23.90 -13.87
CA ARG B 47 -14.71 -23.11 -12.73
C ARG B 47 -13.55 -23.83 -12.06
N ILE B 48 -12.37 -23.22 -12.08
CA ILE B 48 -11.18 -23.78 -11.47
C ILE B 48 -11.00 -23.08 -10.12
N GLN B 49 -11.58 -23.67 -9.08
CA GLN B 49 -11.44 -23.13 -7.74
C GLN B 49 -10.13 -23.62 -7.11
N MET B 50 -9.43 -22.71 -6.44
CA MET B 50 -8.19 -23.03 -5.77
C MET B 50 -8.25 -22.51 -4.34
N ARG B 51 -7.69 -23.28 -3.41
CA ARG B 51 -7.68 -22.94 -2.01
C ARG B 51 -6.25 -22.70 -1.55
N THR B 52 -6.09 -21.77 -0.61
CA THR B 52 -4.78 -21.49 -0.03
C THR B 52 -4.33 -22.72 0.75
N ARG B 53 -3.35 -23.43 0.22
CA ARG B 53 -2.91 -24.67 0.85
C ARG B 53 -2.02 -24.40 2.06
N ARG B 54 -0.89 -23.72 1.85
CA ARG B 54 0.05 -23.45 2.93
C ARG B 54 0.36 -21.95 2.94
N THR B 55 -0.27 -21.22 3.84
CA THR B 55 0.08 -19.81 4.02
C THR B 55 1.48 -19.70 4.61
N LEU B 56 2.27 -18.77 4.07
CA LEU B 56 3.67 -18.62 4.45
C LEU B 56 3.85 -17.23 5.05
N ARG B 57 3.65 -17.13 6.36
CA ARG B 57 3.79 -15.88 7.09
C ARG B 57 5.15 -15.80 7.76
N GLY B 58 5.60 -14.58 8.00
CA GLY B 58 6.90 -14.37 8.60
C GLY B 58 7.62 -13.15 8.08
N HIS B 59 7.21 -12.67 6.90
CA HIS B 59 7.77 -11.41 6.40
C HIS B 59 7.17 -10.25 7.17
N LEU B 60 8.04 -9.32 7.58
CA LEU B 60 7.63 -8.22 8.45
C LEU B 60 7.22 -6.97 7.68
N ALA B 61 7.18 -7.04 6.34
CA ALA B 61 6.86 -5.87 5.53
C ALA B 61 6.41 -6.35 4.15
N LYS B 62 6.32 -5.40 3.25
CA LYS B 62 5.72 -5.75 1.94
C LYS B 62 6.61 -6.69 1.17
N ILE B 63 5.99 -7.62 0.46
CA ILE B 63 6.70 -8.57 -0.38
C ILE B 63 6.66 -8.06 -1.81
N TYR B 64 7.82 -7.90 -2.43
CA TYR B 64 7.91 -7.31 -3.76
C TYR B 64 8.12 -8.33 -4.87
N ALA B 65 8.71 -9.48 -4.58
CA ALA B 65 8.96 -10.46 -5.63
C ALA B 65 9.17 -11.83 -5.02
N MET B 66 9.07 -12.85 -5.87
CA MET B 66 9.34 -14.22 -5.49
C MET B 66 9.72 -15.00 -6.73
N HIS B 67 10.33 -16.16 -6.53
CA HIS B 67 10.67 -17.05 -7.63
C HIS B 67 10.66 -18.48 -7.15
N TRP B 68 9.80 -19.31 -7.75
CA TRP B 68 9.74 -20.71 -7.40
C TRP B 68 11.04 -21.42 -7.77
N GLY B 69 11.40 -22.42 -6.98
CA GLY B 69 12.54 -23.24 -7.32
C GLY B 69 12.24 -24.23 -8.42
N THR B 70 13.31 -24.67 -9.09
CA THR B 70 13.16 -25.68 -10.13
C THR B 70 12.81 -27.05 -9.56
N ASP B 71 13.01 -27.27 -8.27
CA ASP B 71 12.55 -28.48 -7.62
C ASP B 71 11.09 -28.40 -7.18
N SER B 72 10.45 -27.25 -7.41
CA SER B 72 9.05 -27.03 -7.02
C SER B 72 8.85 -27.12 -5.52
N ARG B 73 9.90 -26.88 -4.75
CA ARG B 73 9.76 -26.91 -3.29
C ARG B 73 10.28 -25.66 -2.60
N LEU B 74 11.37 -25.08 -3.08
CA LEU B 74 12.02 -23.97 -2.42
C LEU B 74 11.72 -22.68 -3.19
N LEU B 75 10.94 -21.79 -2.57
CA LEU B 75 10.61 -20.50 -3.17
C LEU B 75 11.28 -19.41 -2.35
N VAL B 76 11.96 -18.51 -3.02
CA VAL B 76 12.62 -17.38 -2.38
C VAL B 76 11.77 -16.14 -2.55
N SER B 77 11.63 -15.36 -1.48
CA SER B 77 10.83 -14.15 -1.50
C SER B 77 11.67 -12.98 -1.03
N ALA B 78 11.51 -11.84 -1.70
CA ALA B 78 12.20 -10.61 -1.35
C ALA B 78 11.20 -9.60 -0.83
N SER B 79 11.53 -8.95 0.28
CA SER B 79 10.63 -7.99 0.90
C SER B 79 11.42 -6.77 1.33
N GLN B 80 10.69 -5.67 1.54
CA GLN B 80 11.34 -4.38 1.87
C GLN B 80 11.85 -4.40 3.30
N ASP B 81 11.50 -5.42 4.08
CA ASP B 81 11.99 -5.52 5.44
C ASP B 81 13.49 -5.77 5.50
N GLY B 82 14.11 -6.12 4.37
CA GLY B 82 15.52 -6.40 4.33
C GLY B 82 15.88 -7.87 4.29
N LYS B 83 14.89 -8.75 4.21
CA LYS B 83 15.13 -10.19 4.20
C LYS B 83 14.89 -10.75 2.80
N LEU B 84 15.49 -11.90 2.54
CA LEU B 84 15.37 -12.62 1.28
C LEU B 84 15.12 -14.09 1.56
N ILE B 85 14.11 -14.35 2.40
CA ILE B 85 13.86 -15.69 2.92
C ILE B 85 13.71 -16.69 1.78
N ILE B 86 14.20 -17.92 2.01
CA ILE B 86 14.01 -19.04 1.11
C ILE B 86 13.12 -20.03 1.84
N TRP B 87 11.84 -20.02 1.50
CA TRP B 87 10.88 -20.87 2.20
C TRP B 87 10.86 -22.28 1.60
N ASP B 88 10.34 -23.22 2.38
CA ASP B 88 10.09 -24.57 1.94
C ASP B 88 8.59 -24.78 2.03
N SER B 89 7.91 -24.72 0.88
CA SER B 89 6.45 -24.78 0.86
C SER B 89 5.93 -26.09 1.45
N TYR B 90 6.69 -27.17 1.32
CA TYR B 90 6.24 -28.46 1.83
C TYR B 90 6.09 -28.44 3.34
N THR B 91 7.05 -27.83 4.04
CA THR B 91 7.06 -27.85 5.50
C THR B 91 6.92 -26.48 6.14
N THR B 92 6.79 -25.41 5.34
CA THR B 92 6.71 -24.05 5.85
C THR B 92 7.92 -23.75 6.75
N ASN B 93 9.09 -24.16 6.27
CA ASN B 93 10.35 -24.00 7.02
C ASN B 93 11.24 -23.03 6.27
N LYS B 94 11.59 -21.93 6.91
CA LYS B 94 12.49 -20.94 6.32
C LYS B 94 13.90 -21.52 6.33
N VAL B 95 14.34 -22.04 5.18
CA VAL B 95 15.68 -22.62 5.08
C VAL B 95 16.73 -21.56 5.34
N HIS B 96 16.56 -20.38 4.75
CA HIS B 96 17.52 -19.31 4.89
C HIS B 96 16.78 -17.98 5.03
N ALA B 97 17.44 -17.03 5.67
CA ALA B 97 16.92 -15.66 5.82
C ALA B 97 18.09 -14.72 5.55
N ILE B 98 18.28 -14.38 4.28
CA ILE B 98 19.46 -13.55 3.90
C ILE B 98 19.16 -12.11 4.27
N PRO B 99 20.05 -11.41 5.01
CA PRO B 99 19.88 -9.98 5.27
C PRO B 99 20.37 -9.15 4.10
N LEU B 100 19.50 -8.32 3.56
CA LEU B 100 19.80 -7.51 2.38
C LEU B 100 20.35 -6.16 2.81
N ARG B 101 21.48 -5.78 2.23
CA ARG B 101 22.11 -4.52 2.60
C ARG B 101 21.19 -3.34 2.31
N SER B 102 20.57 -3.33 1.14
CA SER B 102 19.61 -2.30 0.77
C SER B 102 18.21 -2.87 0.92
N SER B 103 17.41 -2.28 1.82
CA SER B 103 16.06 -2.75 2.04
C SER B 103 15.19 -2.54 0.81
N TRP B 104 15.60 -1.67 -0.11
CA TRP B 104 14.77 -1.36 -1.28
C TRP B 104 14.96 -2.39 -2.38
N VAL B 105 14.80 -3.67 -2.04
CA VAL B 105 14.80 -4.71 -3.05
C VAL B 105 13.57 -4.54 -3.93
N MET B 106 13.68 -5.00 -5.18
CA MET B 106 12.55 -4.94 -6.09
C MET B 106 12.34 -6.25 -6.85
N THR B 107 13.31 -7.15 -6.86
CA THR B 107 13.17 -8.43 -7.54
C THR B 107 14.07 -9.45 -6.87
N CYS B 108 13.80 -10.72 -7.16
CA CYS B 108 14.64 -11.82 -6.71
C CYS B 108 14.46 -12.98 -7.66
N ALA B 109 15.44 -13.87 -7.68
CA ALA B 109 15.42 -15.02 -8.58
C ALA B 109 16.14 -16.19 -7.92
N TYR B 110 15.80 -17.38 -8.39
CA TYR B 110 16.35 -18.62 -7.85
C TYR B 110 17.03 -19.36 -8.99
N ALA B 111 18.29 -19.75 -8.79
CA ALA B 111 19.05 -20.40 -9.84
C ALA B 111 18.42 -21.74 -10.21
N PRO B 112 18.47 -22.13 -11.49
CA PRO B 112 17.89 -23.42 -11.88
C PRO B 112 18.50 -24.61 -11.15
N SER B 113 19.82 -24.57 -10.90
CA SER B 113 20.45 -25.61 -10.12
C SER B 113 19.98 -25.56 -8.67
N GLY B 114 19.80 -24.36 -8.14
CA GLY B 114 19.45 -24.16 -6.74
C GLY B 114 20.60 -23.68 -5.88
N ASN B 115 21.83 -23.70 -6.38
CA ASN B 115 22.98 -23.30 -5.59
C ASN B 115 23.09 -21.79 -5.41
N TYR B 116 22.27 -21.01 -6.10
CA TYR B 116 22.41 -19.56 -6.09
C TYR B 116 21.04 -18.91 -5.96
N VAL B 117 21.05 -17.69 -5.43
CA VAL B 117 19.86 -16.86 -5.33
C VAL B 117 20.29 -15.41 -5.53
N ALA B 118 19.44 -14.63 -6.18
CA ALA B 118 19.78 -13.26 -6.55
C ALA B 118 18.70 -12.30 -6.07
N CYS B 119 19.07 -11.03 -5.98
CA CYS B 119 18.15 -9.96 -5.61
C CYS B 119 18.52 -8.73 -6.43
N GLY B 120 17.99 -7.59 -6.03
CA GLY B 120 18.25 -6.33 -6.71
C GLY B 120 17.07 -5.40 -6.57
N GLY B 121 17.36 -4.10 -6.72
CA GLY B 121 16.33 -3.09 -6.57
C GLY B 121 16.81 -1.68 -6.86
N LEU B 122 16.42 -0.73 -6.02
CA LEU B 122 16.79 0.67 -6.22
C LEU B 122 18.26 0.93 -5.96
N ASP B 123 19.00 -0.02 -5.42
CA ASP B 123 20.44 0.11 -5.27
C ASP B 123 21.18 -0.11 -6.59
N ASN B 124 20.49 -0.51 -7.65
CA ASN B 124 21.04 -0.67 -9.00
C ASN B 124 22.12 -1.73 -9.06
N ILE B 125 22.17 -2.63 -8.08
CA ILE B 125 23.19 -3.67 -8.00
C ILE B 125 22.49 -5.01 -7.85
N CYS B 126 22.88 -5.97 -8.69
CA CYS B 126 22.37 -7.34 -8.58
C CYS B 126 23.31 -8.12 -7.67
N SER B 127 22.80 -8.50 -6.50
CA SER B 127 23.60 -9.18 -5.49
C SER B 127 23.34 -10.68 -5.58
N ILE B 128 24.40 -11.44 -5.80
CA ILE B 128 24.32 -12.89 -5.93
C ILE B 128 24.73 -13.52 -4.61
N TYR B 129 24.08 -14.62 -4.24
CA TYR B 129 24.31 -15.27 -2.97
C TYR B 129 24.56 -16.76 -3.17
N ASN B 130 25.55 -17.30 -2.44
CA ASN B 130 25.79 -18.74 -2.38
C ASN B 130 24.82 -19.33 -1.37
N LEU B 131 23.67 -19.78 -1.85
CA LEU B 131 22.70 -20.41 -0.96
C LEU B 131 23.24 -21.74 -0.42
N LYS B 132 24.08 -22.41 -1.19
CA LYS B 132 24.79 -23.62 -0.76
C LYS B 132 26.26 -23.25 -0.56
N THR B 133 26.61 -22.89 0.67
CA THR B 133 27.98 -22.51 1.02
C THR B 133 28.54 -23.49 2.03
N ARG B 134 29.87 -23.67 2.00
CA ARG B 134 30.53 -24.63 2.91
C ARG B 134 30.49 -24.07 4.34
N GLU B 135 30.67 -22.75 4.49
CA GLU B 135 30.68 -22.12 5.82
C GLU B 135 29.35 -22.36 6.52
N VAL B 138 25.24 -17.57 4.45
CA VAL B 138 25.26 -16.97 3.08
C VAL B 138 25.98 -15.63 3.04
N ARG B 139 26.97 -15.51 2.16
CA ARG B 139 27.70 -14.27 1.95
C ARG B 139 27.31 -13.66 0.61
N VAL B 140 27.72 -12.41 0.41
CA VAL B 140 27.47 -11.70 -0.85
C VAL B 140 28.46 -12.26 -1.87
N SER B 141 27.97 -13.16 -2.74
CA SER B 141 28.85 -13.80 -3.71
C SER B 141 29.34 -12.81 -4.75
N ARG B 142 28.45 -11.96 -5.26
CA ARG B 142 28.83 -10.97 -6.25
C ARG B 142 27.93 -9.76 -6.13
N GLU B 143 28.42 -8.63 -6.61
CA GLU B 143 27.78 -7.32 -6.51
C GLU B 143 27.70 -6.66 -7.88
N LEU B 144 27.18 -7.40 -8.85
CA LEU B 144 27.10 -6.94 -10.24
C LEU B 144 26.51 -5.54 -10.32
N ALA B 145 27.32 -4.60 -10.80
CA ALA B 145 26.94 -3.19 -10.88
C ALA B 145 27.31 -2.64 -12.24
N GLY B 146 26.67 -1.53 -12.61
CA GLY B 146 26.89 -0.92 -13.89
C GLY B 146 25.64 -0.33 -14.52
N HIS B 147 24.48 -0.85 -14.15
CA HIS B 147 23.24 -0.24 -14.59
C HIS B 147 23.04 1.11 -13.93
N THR B 148 22.44 2.03 -14.69
CA THR B 148 22.13 3.37 -14.17
C THR B 148 20.80 3.42 -13.44
N GLY B 149 19.81 2.65 -13.89
CA GLY B 149 18.51 2.62 -13.27
C GLY B 149 18.34 1.43 -12.34
N TYR B 150 17.18 1.41 -11.69
CA TYR B 150 16.85 0.34 -10.76
C TYR B 150 16.65 -0.97 -11.50
N LEU B 151 16.78 -2.08 -10.76
CA LEU B 151 16.60 -3.41 -11.32
C LEU B 151 15.15 -3.84 -11.13
N SER B 152 14.51 -4.27 -12.21
CA SER B 152 13.10 -4.65 -12.17
C SER B 152 12.90 -6.16 -12.09
N CYS B 153 13.69 -6.93 -12.85
CA CYS B 153 13.58 -8.38 -12.82
C CYS B 153 14.86 -8.98 -13.35
N CYS B 154 15.36 -10.03 -12.68
CA CYS B 154 16.55 -10.74 -13.08
C CYS B 154 16.26 -12.23 -13.10
N ARG B 155 16.92 -12.96 -14.00
CA ARG B 155 16.74 -14.39 -14.13
C ARG B 155 18.09 -15.05 -14.38
N PHE B 156 18.20 -16.32 -14.00
CA PHE B 156 19.42 -17.09 -14.16
C PHE B 156 19.33 -17.95 -15.41
N LEU B 157 20.34 -17.83 -16.28
CA LEU B 157 20.42 -18.76 -17.42
C LEU B 157 21.08 -19.99 -16.83
N ASP B 158 22.17 -19.81 -16.07
CA ASP B 158 22.82 -20.89 -15.34
C ASP B 158 23.47 -20.27 -14.10
N ASP B 159 24.38 -21.02 -13.47
CA ASP B 159 25.05 -20.52 -12.27
C ASP B 159 26.06 -19.41 -12.56
N ASN B 160 26.38 -19.17 -13.84
CA ASN B 160 27.38 -18.18 -14.20
C ASN B 160 26.85 -17.02 -15.01
N GLN B 161 25.71 -17.16 -15.69
CA GLN B 161 25.14 -16.10 -16.51
C GLN B 161 23.79 -15.71 -15.93
N ILE B 162 23.57 -14.40 -15.80
CA ILE B 162 22.32 -13.86 -15.29
C ILE B 162 21.90 -12.69 -16.17
N VAL B 163 20.62 -12.66 -16.54
CA VAL B 163 20.04 -11.57 -17.31
C VAL B 163 19.22 -10.73 -16.35
N THR B 164 19.58 -9.46 -16.20
CA THR B 164 18.91 -8.56 -15.28
C THR B 164 18.30 -7.39 -16.07
N SER B 165 16.99 -7.21 -15.94
CA SER B 165 16.35 -6.02 -16.47
C SER B 165 16.60 -4.83 -15.55
N SER B 166 16.65 -3.64 -16.16
CA SER B 166 16.97 -2.45 -15.40
C SER B 166 16.03 -1.32 -15.81
N GLY B 167 15.96 -0.30 -14.96
CA GLY B 167 15.15 0.87 -15.21
C GLY B 167 15.78 1.90 -16.10
N ASP B 168 17.01 1.67 -16.58
CA ASP B 168 17.65 2.55 -17.53
C ASP B 168 17.35 2.17 -18.97
N THR B 169 16.21 1.51 -19.21
CA THR B 169 15.73 1.07 -20.52
C THR B 169 16.58 -0.03 -21.14
N THR B 170 17.64 -0.48 -20.46
CA THR B 170 18.53 -1.50 -20.99
C THR B 170 18.59 -2.69 -20.04
N CYS B 171 18.39 -3.88 -20.59
CA CYS B 171 18.60 -5.12 -19.86
C CYS B 171 19.89 -5.77 -20.38
N ALA B 172 20.77 -6.15 -19.46
CA ALA B 172 22.09 -6.62 -19.80
C ALA B 172 22.29 -8.06 -19.35
N LEU B 173 23.20 -8.74 -20.03
CA LEU B 173 23.62 -10.10 -19.68
C LEU B 173 24.97 -10.03 -18.98
N TRP B 174 25.08 -10.70 -17.84
CA TRP B 174 26.24 -10.60 -16.98
C TRP B 174 26.95 -11.94 -16.86
N ASP B 175 28.27 -11.90 -16.83
CA ASP B 175 29.09 -13.03 -16.42
C ASP B 175 29.36 -12.86 -14.92
N ILE B 176 28.80 -13.76 -14.11
CA ILE B 176 28.79 -13.55 -12.66
C ILE B 176 30.21 -13.50 -12.12
N GLU B 177 31.03 -14.51 -12.46
CA GLU B 177 32.37 -14.56 -11.91
C GLU B 177 33.28 -13.49 -12.51
N THR B 178 33.04 -13.12 -13.77
CA THR B 178 33.89 -12.11 -14.41
C THR B 178 33.57 -10.71 -13.90
N GLY B 179 32.28 -10.40 -13.77
CA GLY B 179 31.85 -9.22 -13.04
C GLY B 179 31.35 -8.04 -13.84
N GLN B 180 31.23 -8.16 -15.16
CA GLN B 180 30.71 -7.06 -15.96
C GLN B 180 29.77 -7.59 -17.03
N GLN B 181 29.03 -6.67 -17.64
CA GLN B 181 28.00 -7.01 -18.62
C GLN B 181 28.65 -7.57 -19.88
N THR B 182 28.46 -8.87 -20.12
CA THR B 182 28.94 -9.47 -21.35
C THR B 182 28.17 -8.95 -22.56
N THR B 183 26.85 -8.88 -22.46
CA THR B 183 26.00 -8.42 -23.55
C THR B 183 24.93 -7.49 -23.00
N THR B 184 24.70 -6.38 -23.68
CA THR B 184 23.68 -5.40 -23.29
C THR B 184 22.61 -5.34 -24.36
N PHE B 185 21.36 -5.51 -23.95
CA PHE B 185 20.22 -5.55 -24.87
C PHE B 185 19.48 -4.22 -24.78
N THR B 186 19.92 -3.24 -25.57
CA THR B 186 19.27 -1.95 -25.63
C THR B 186 18.19 -1.97 -26.71
N GLY B 187 17.36 -0.92 -26.72
CA GLY B 187 16.31 -0.79 -27.70
C GLY B 187 15.01 -0.28 -27.14
N HIS B 188 14.74 -0.59 -25.86
CA HIS B 188 13.54 -0.08 -25.22
C HIS B 188 13.63 1.42 -25.02
N THR B 189 12.52 2.12 -25.26
CA THR B 189 12.45 3.55 -25.01
C THR B 189 11.96 3.88 -23.61
N GLY B 190 11.48 2.88 -22.86
CA GLY B 190 11.05 3.08 -21.50
C GLY B 190 11.70 2.07 -20.57
N ASP B 191 11.44 2.24 -19.26
CA ASP B 191 12.02 1.35 -18.24
C ASP B 191 11.54 -0.08 -18.42
N VAL B 192 12.46 -1.02 -18.55
CA VAL B 192 12.10 -2.43 -18.61
C VAL B 192 11.60 -2.87 -17.24
N MET B 193 10.47 -3.59 -17.22
CA MET B 193 9.81 -3.90 -15.96
C MET B 193 9.84 -5.37 -15.57
N SER B 194 10.01 -6.28 -16.52
CA SER B 194 10.01 -7.70 -16.20
C SER B 194 10.81 -8.46 -17.26
N LEU B 195 11.17 -9.70 -16.91
CA LEU B 195 11.90 -10.58 -17.78
C LEU B 195 11.23 -11.95 -17.83
N SER B 196 11.53 -12.70 -18.89
CA SER B 196 11.02 -14.05 -19.03
C SER B 196 11.99 -14.83 -19.91
N LEU B 197 12.52 -15.92 -19.37
CA LEU B 197 13.47 -16.75 -20.16
C LEU B 197 12.67 -17.87 -20.83
N ALA B 198 13.03 -18.23 -22.04
CA ALA B 198 12.36 -19.26 -22.82
C ALA B 198 12.62 -20.64 -22.22
N PRO B 199 11.72 -21.60 -22.48
CA PRO B 199 11.96 -22.97 -22.02
C PRO B 199 13.26 -23.57 -22.53
N ASP B 200 13.68 -23.24 -23.74
CA ASP B 200 14.97 -23.71 -24.25
C ASP B 200 16.12 -22.80 -23.85
N THR B 201 15.84 -21.70 -23.15
CA THR B 201 16.85 -20.75 -22.70
C THR B 201 17.71 -20.28 -23.89
N ARG B 202 17.04 -19.90 -24.98
CA ARG B 202 17.69 -19.34 -26.15
C ARG B 202 17.26 -17.92 -26.46
N LEU B 203 16.04 -17.56 -26.07
CA LEU B 203 15.49 -16.23 -26.29
C LEU B 203 14.83 -15.76 -25.01
N PHE B 204 14.69 -14.43 -24.89
CA PHE B 204 13.96 -13.88 -23.76
C PHE B 204 13.25 -12.61 -24.19
N VAL B 205 11.98 -12.50 -23.83
CA VAL B 205 11.19 -11.31 -24.08
C VAL B 205 11.11 -10.49 -22.81
N SER B 206 10.74 -9.22 -22.96
CA SER B 206 10.65 -8.33 -21.81
C SER B 206 9.74 -7.16 -22.15
N GLY B 207 8.64 -7.01 -21.41
CA GLY B 207 7.85 -5.81 -21.52
C GLY B 207 8.49 -4.65 -20.77
N ALA B 208 8.23 -3.44 -21.25
CA ALA B 208 8.84 -2.27 -20.66
C ALA B 208 7.82 -1.17 -20.40
N CYS B 209 8.30 0.02 -20.03
CA CYS B 209 7.45 1.17 -19.80
C CYS B 209 7.09 1.91 -21.08
N ASP B 210 7.21 1.25 -22.23
CA ASP B 210 6.78 1.80 -23.51
C ASP B 210 5.71 0.95 -24.18
N ALA B 211 5.02 0.11 -23.42
CA ALA B 211 3.92 -0.74 -23.89
C ALA B 211 4.37 -1.70 -24.98
N SER B 212 5.67 -1.97 -25.08
CA SER B 212 6.21 -2.84 -26.11
C SER B 212 7.01 -3.97 -25.48
N ALA B 213 6.87 -5.17 -26.02
CA ALA B 213 7.66 -6.32 -25.62
C ALA B 213 8.54 -6.75 -26.79
N LYS B 214 9.84 -6.84 -26.55
CA LYS B 214 10.80 -7.15 -27.60
C LYS B 214 11.45 -8.50 -27.36
N LEU B 215 11.66 -9.25 -28.45
CA LEU B 215 12.31 -10.59 -28.35
C LEU B 215 13.81 -10.47 -28.69
N TRP B 216 14.67 -10.83 -27.74
CA TRP B 216 16.12 -10.80 -27.88
C TRP B 216 16.66 -12.21 -27.99
N ASP B 217 17.74 -12.34 -28.75
CA ASP B 217 18.54 -13.56 -28.75
C ASP B 217 19.68 -13.39 -27.76
N VAL B 218 19.82 -14.36 -26.85
CA VAL B 218 20.80 -14.24 -25.79
C VAL B 218 22.20 -14.13 -26.35
N ARG B 219 22.50 -14.89 -27.40
CA ARG B 219 23.85 -14.89 -27.96
C ARG B 219 24.04 -13.82 -29.03
N GLU B 220 23.03 -13.60 -29.88
CA GLU B 220 23.22 -12.71 -31.02
C GLU B 220 23.36 -11.26 -30.54
N GLY B 221 22.59 -10.85 -29.54
CA GLY B 221 22.82 -9.60 -28.85
C GLY B 221 21.93 -8.44 -29.23
N MET B 222 20.98 -8.61 -30.15
CA MET B 222 20.09 -7.54 -30.54
C MET B 222 18.66 -8.05 -30.61
N CYS B 223 17.72 -7.10 -30.59
CA CYS B 223 16.31 -7.45 -30.64
C CYS B 223 15.96 -8.12 -31.95
N ARG B 224 15.17 -9.19 -31.87
CA ARG B 224 14.72 -9.93 -33.04
C ARG B 224 13.32 -9.52 -33.48
N GLN B 225 12.35 -9.57 -32.56
CA GLN B 225 10.98 -9.15 -32.83
C GLN B 225 10.52 -8.22 -31.73
N THR B 226 9.76 -7.20 -32.11
CA THR B 226 9.17 -6.25 -31.17
C THR B 226 7.66 -6.24 -31.35
N PHE B 227 6.94 -6.43 -30.25
CA PHE B 227 5.48 -6.48 -30.28
C PHE B 227 4.92 -5.25 -29.59
N THR B 228 4.09 -4.50 -30.29
CA THR B 228 3.45 -3.29 -29.77
C THR B 228 1.95 -3.47 -29.91
N GLY B 229 1.32 -3.96 -28.84
CA GLY B 229 -0.12 -4.14 -28.84
C GLY B 229 -0.78 -3.54 -27.61
N HIS B 230 0.01 -3.21 -26.60
CA HIS B 230 -0.50 -2.72 -25.34
C HIS B 230 -0.72 -1.22 -25.38
N GLU B 231 -1.46 -0.74 -24.37
CA GLU B 231 -1.83 0.67 -24.25
C GLU B 231 -0.96 1.42 -23.25
N SER B 232 -0.58 0.77 -22.16
CA SER B 232 0.18 1.42 -21.11
C SER B 232 1.39 0.59 -20.70
N ASP B 233 2.01 0.95 -19.58
CA ASP B 233 3.24 0.30 -19.14
C ASP B 233 3.01 -1.19 -18.92
N ILE B 234 3.96 -2.01 -19.37
CA ILE B 234 3.90 -3.46 -19.17
C ILE B 234 4.62 -3.80 -17.87
N ASN B 235 3.99 -4.62 -17.03
CA ASN B 235 4.53 -4.94 -15.72
C ASN B 235 4.95 -6.40 -15.55
N ALA B 236 4.47 -7.30 -16.40
CA ALA B 236 4.77 -8.71 -16.24
C ALA B 236 4.81 -9.38 -17.62
N ILE B 237 5.48 -10.53 -17.67
CA ILE B 237 5.68 -11.23 -18.94
C ILE B 237 6.13 -12.64 -18.62
N CYS B 238 5.73 -13.59 -19.47
CA CYS B 238 6.10 -15.00 -19.28
C CYS B 238 5.78 -15.77 -20.55
N PHE B 239 6.73 -16.57 -21.03
CA PHE B 239 6.48 -17.40 -22.20
C PHE B 239 5.42 -18.46 -21.96
N PHE B 240 4.75 -18.82 -23.05
CA PHE B 240 3.93 -20.02 -23.09
C PHE B 240 4.82 -21.23 -22.91
N PRO B 241 4.31 -22.32 -22.31
CA PRO B 241 5.14 -23.51 -22.15
C PRO B 241 5.69 -24.05 -23.46
N ASN B 242 4.97 -23.87 -24.57
CA ASN B 242 5.48 -24.31 -25.87
C ASN B 242 6.72 -23.53 -26.28
N GLY B 243 6.89 -22.32 -25.74
CA GLY B 243 8.04 -21.51 -26.07
C GLY B 243 7.88 -20.62 -27.28
N ASN B 244 6.75 -20.71 -27.99
CA ASN B 244 6.51 -19.91 -29.18
C ASN B 244 5.58 -18.73 -28.93
N ALA B 245 5.21 -18.46 -27.68
CA ALA B 245 4.28 -17.39 -27.37
C ALA B 245 4.52 -16.93 -25.93
N PHE B 246 3.96 -15.78 -25.61
CA PHE B 246 4.03 -15.28 -24.24
C PHE B 246 2.86 -14.34 -23.99
N ALA B 247 2.61 -14.10 -22.71
CA ALA B 247 1.55 -13.21 -22.26
C ALA B 247 2.15 -12.07 -21.46
N THR B 248 1.54 -10.89 -21.63
CA THR B 248 2.08 -9.68 -20.97
C THR B 248 0.96 -8.95 -20.22
N GLY B 249 1.21 -8.60 -18.97
CA GLY B 249 0.29 -7.81 -18.17
C GLY B 249 0.74 -6.37 -18.16
N SER B 250 -0.22 -5.45 -18.24
CA SER B 250 0.08 -4.03 -18.36
C SER B 250 -0.76 -3.24 -17.37
N ASP B 251 -0.43 -1.96 -17.24
CA ASP B 251 -1.15 -1.06 -16.36
C ASP B 251 -2.55 -0.73 -16.87
N ASP B 252 -2.86 -1.07 -18.12
CA ASP B 252 -4.19 -0.84 -18.67
C ASP B 252 -5.18 -1.95 -18.33
N ALA B 253 -4.83 -2.82 -17.37
CA ALA B 253 -5.70 -3.90 -16.92
C ALA B 253 -6.05 -4.84 -18.07
N THR B 254 -5.02 -5.34 -18.74
CA THR B 254 -5.22 -6.22 -19.88
C THR B 254 -4.04 -7.17 -20.01
N CYS B 255 -4.33 -8.47 -20.03
CA CYS B 255 -3.35 -9.49 -20.36
C CYS B 255 -3.47 -9.80 -21.85
N ARG B 256 -2.34 -9.89 -22.54
CA ARG B 256 -2.34 -9.94 -23.99
C ARG B 256 -1.42 -11.06 -24.45
N LEU B 257 -1.95 -12.00 -25.21
CA LEU B 257 -1.21 -13.15 -25.69
C LEU B 257 -0.61 -12.84 -27.05
N PHE B 258 0.72 -12.75 -27.11
CA PHE B 258 1.44 -12.58 -28.35
C PHE B 258 2.16 -13.89 -28.70
N ASP B 259 2.15 -14.25 -29.98
CA ASP B 259 2.82 -15.46 -30.44
C ASP B 259 4.02 -15.05 -31.28
N LEU B 260 5.15 -15.71 -31.06
CA LEU B 260 6.41 -15.27 -31.74
C LEU B 260 6.34 -15.51 -33.24
N ARG B 261 5.85 -16.68 -33.65
CA ARG B 261 5.82 -17.04 -35.09
C ARG B 261 4.85 -16.13 -35.84
N ALA B 262 3.66 -15.92 -35.29
CA ALA B 262 2.67 -15.06 -35.92
C ALA B 262 3.09 -13.60 -35.92
N ASP B 263 4.02 -13.21 -35.05
CA ASP B 263 4.61 -11.88 -35.03
C ASP B 263 3.58 -10.80 -34.72
N GLN B 264 2.49 -11.23 -34.06
CA GLN B 264 1.39 -10.27 -33.77
C GLN B 264 0.49 -10.82 -32.66
N GLU B 265 -0.39 -9.98 -32.15
CA GLU B 265 -1.33 -10.36 -31.10
C GLU B 265 -2.11 -11.61 -31.48
N LEU B 266 -2.50 -12.38 -30.47
CA LEU B 266 -3.49 -13.44 -30.63
C LEU B 266 -4.76 -13.18 -29.84
N MET B 267 -4.60 -13.01 -28.52
CA MET B 267 -5.80 -12.84 -27.68
C MET B 267 -5.68 -11.63 -26.77
N THR B 268 -6.80 -11.20 -26.20
CA THR B 268 -6.87 -10.10 -25.25
C THR B 268 -7.65 -10.60 -24.04
N TYR B 269 -7.04 -10.51 -22.86
CA TYR B 269 -7.64 -11.01 -21.63
C TYR B 269 -7.97 -9.80 -20.75
N SER B 270 -9.14 -9.23 -20.98
CA SER B 270 -9.58 -8.05 -20.23
C SER B 270 -11.09 -7.97 -20.29
N HIS B 271 -11.67 -7.25 -19.33
CA HIS B 271 -13.10 -7.06 -19.25
C HIS B 271 -13.39 -5.68 -18.69
N ASP B 272 -14.62 -5.21 -18.90
CA ASP B 272 -15.01 -3.91 -18.37
C ASP B 272 -15.00 -3.90 -16.85
N ASN B 273 -15.24 -5.05 -16.23
CA ASN B 273 -15.27 -5.12 -14.77
C ASN B 273 -13.90 -4.80 -14.17
N ILE B 274 -12.85 -5.32 -14.77
CA ILE B 274 -11.50 -5.15 -14.22
C ILE B 274 -10.95 -3.79 -14.63
N ILE B 275 -10.46 -3.05 -13.65
CA ILE B 275 -9.82 -1.76 -13.92
C ILE B 275 -8.38 -1.70 -13.43
N CYS B 276 -8.07 -2.49 -12.41
CA CYS B 276 -6.70 -2.49 -11.84
C CYS B 276 -5.73 -3.17 -12.80
N GLY B 277 -4.50 -2.64 -12.94
CA GLY B 277 -3.53 -3.26 -13.81
C GLY B 277 -2.90 -4.51 -13.22
N ILE B 278 -2.22 -5.26 -14.07
CA ILE B 278 -1.58 -6.50 -13.68
C ILE B 278 -0.18 -6.21 -13.18
N THR B 279 0.18 -6.82 -12.05
CA THR B 279 1.55 -6.76 -11.54
C THR B 279 2.35 -8.03 -11.77
N SER B 280 1.70 -9.16 -12.01
CA SER B 280 2.42 -10.41 -12.23
C SER B 280 1.51 -11.38 -12.98
N VAL B 281 2.06 -12.00 -14.02
CA VAL B 281 1.35 -13.01 -14.80
C VAL B 281 2.28 -14.21 -14.94
N SER B 282 1.68 -15.39 -15.14
CA SER B 282 2.45 -16.61 -15.31
C SER B 282 1.56 -17.70 -15.88
N PHE B 283 2.02 -18.35 -16.94
CA PHE B 283 1.28 -19.46 -17.52
C PHE B 283 1.33 -20.68 -16.60
N SER B 284 0.35 -21.57 -16.80
CA SER B 284 0.32 -22.83 -16.08
C SER B 284 1.24 -23.83 -16.79
N LYS B 285 1.26 -25.07 -16.28
CA LYS B 285 2.09 -26.11 -16.88
C LYS B 285 1.62 -26.42 -18.30
N SER B 286 0.31 -26.58 -18.49
CA SER B 286 -0.23 -26.86 -19.81
C SER B 286 -0.28 -25.63 -20.69
N GLY B 287 -0.39 -24.44 -20.10
CA GLY B 287 -0.64 -23.23 -20.84
C GLY B 287 -2.10 -22.89 -21.02
N ARG B 288 -3.01 -23.77 -20.59
CA ARG B 288 -4.43 -23.49 -20.67
C ARG B 288 -4.87 -22.42 -19.68
N LEU B 289 -4.06 -22.15 -18.65
CA LEU B 289 -4.39 -21.16 -17.63
C LEU B 289 -3.36 -20.05 -17.66
N LEU B 290 -3.83 -18.83 -17.40
CA LEU B 290 -3.03 -17.60 -17.53
C LEU B 290 -3.16 -16.78 -16.25
N LEU B 291 -2.86 -17.43 -15.13
CA LEU B 291 -2.98 -16.76 -13.83
C LEU B 291 -2.29 -15.41 -13.88
N ALA B 292 -2.97 -14.35 -13.44
CA ALA B 292 -2.43 -13.00 -13.41
C ALA B 292 -2.82 -12.33 -12.10
N GLY B 293 -1.95 -11.43 -11.64
CA GLY B 293 -2.19 -10.74 -10.39
C GLY B 293 -2.45 -9.25 -10.58
N TYR B 294 -3.67 -8.83 -10.29
CA TYR B 294 -4.07 -7.44 -10.46
C TYR B 294 -3.82 -6.64 -9.19
N ASP B 295 -4.00 -5.32 -9.30
CA ASP B 295 -3.89 -4.45 -8.13
C ASP B 295 -5.11 -4.51 -7.24
N ASP B 296 -6.22 -5.07 -7.72
CA ASP B 296 -7.45 -5.10 -6.93
C ASP B 296 -7.42 -6.23 -5.91
N PHE B 297 -6.32 -6.31 -5.16
CA PHE B 297 -6.19 -7.10 -3.94
C PHE B 297 -6.35 -8.60 -4.17
N ASN B 298 -6.41 -9.05 -5.42
CA ASN B 298 -6.58 -10.48 -5.69
C ASN B 298 -6.14 -10.77 -7.12
N CYS B 299 -6.05 -12.06 -7.43
CA CYS B 299 -5.60 -12.54 -8.72
C CYS B 299 -6.75 -13.23 -9.46
N ASN B 300 -6.66 -13.22 -10.79
CA ASN B 300 -7.68 -13.82 -11.64
C ASN B 300 -7.06 -14.91 -12.50
N VAL B 301 -7.76 -16.04 -12.60
CA VAL B 301 -7.34 -17.17 -13.41
C VAL B 301 -8.08 -17.10 -14.73
N TRP B 302 -7.33 -17.10 -15.83
CA TRP B 302 -7.90 -16.97 -17.16
C TRP B 302 -7.85 -18.31 -17.89
N ASP B 303 -8.29 -18.28 -19.15
CA ASP B 303 -8.27 -19.45 -20.03
C ASP B 303 -7.68 -18.97 -21.35
N ALA B 304 -6.45 -19.38 -21.64
CA ALA B 304 -5.74 -18.85 -22.80
C ALA B 304 -6.46 -19.20 -24.09
N LEU B 305 -7.06 -20.38 -24.18
CA LEU B 305 -7.74 -20.77 -25.41
C LEU B 305 -9.07 -20.04 -25.56
N LYS B 306 -9.84 -19.92 -24.49
CA LYS B 306 -11.16 -19.30 -24.55
C LYS B 306 -11.16 -17.80 -24.29
N ALA B 307 -10.07 -17.26 -23.73
CA ALA B 307 -9.98 -15.85 -23.37
C ALA B 307 -11.03 -15.46 -22.34
N ASP B 308 -11.61 -16.45 -21.67
CA ASP B 308 -12.65 -16.23 -20.68
C ASP B 308 -12.12 -16.53 -19.28
N ARG B 309 -12.37 -15.61 -18.35
CA ARG B 309 -11.96 -15.81 -16.97
C ARG B 309 -12.63 -17.06 -16.39
N ALA B 310 -11.85 -17.88 -15.70
CA ALA B 310 -12.33 -19.16 -15.19
C ALA B 310 -11.87 -19.38 -13.74
N GLY B 311 -11.99 -18.36 -12.92
CA GLY B 311 -11.68 -18.50 -11.51
C GLY B 311 -11.02 -17.25 -10.98
N VAL B 312 -10.95 -17.18 -9.65
CA VAL B 312 -10.31 -16.09 -8.93
C VAL B 312 -9.44 -16.66 -7.82
N LEU B 313 -8.56 -15.82 -7.29
CA LEU B 313 -7.66 -16.20 -6.21
C LEU B 313 -7.72 -15.18 -5.08
N ALA B 314 -8.93 -14.81 -4.69
CA ALA B 314 -9.11 -13.83 -3.62
C ALA B 314 -8.66 -14.42 -2.28
N GLY B 315 -8.20 -13.53 -1.40
CA GLY B 315 -7.70 -13.94 -0.10
C GLY B 315 -6.52 -13.12 0.39
N HIS B 316 -5.99 -12.25 -0.47
CA HIS B 316 -4.88 -11.39 -0.09
C HIS B 316 -5.41 -10.05 0.41
N ASP B 317 -4.81 -9.57 1.50
CA ASP B 317 -5.28 -8.33 2.13
C ASP B 317 -4.92 -7.12 1.28
N ASN B 318 -3.66 -7.00 0.89
CA ASN B 318 -3.15 -5.87 0.12
C ASN B 318 -2.95 -6.28 -1.34
N ARG B 319 -2.32 -5.38 -2.11
CA ARG B 319 -2.07 -5.63 -3.53
C ARG B 319 -1.14 -6.82 -3.72
N VAL B 320 -1.43 -7.63 -4.73
CA VAL B 320 -0.60 -8.77 -5.10
C VAL B 320 0.53 -8.27 -6.00
N SER B 321 1.77 -8.57 -5.62
CA SER B 321 2.94 -8.08 -6.33
C SER B 321 3.62 -9.14 -7.19
N CYS B 322 3.68 -10.39 -6.72
CA CYS B 322 4.38 -11.45 -7.44
C CYS B 322 3.52 -12.70 -7.48
N LEU B 323 3.77 -13.52 -8.49
CA LEU B 323 2.99 -14.72 -8.73
C LEU B 323 3.81 -15.66 -9.60
N GLY B 324 3.91 -16.92 -9.21
CA GLY B 324 4.70 -17.88 -9.96
C GLY B 324 4.17 -19.29 -9.80
N VAL B 325 4.35 -20.08 -10.85
CA VAL B 325 3.91 -21.47 -10.88
C VAL B 325 5.15 -22.36 -10.92
N THR B 326 5.07 -23.50 -10.26
CA THR B 326 6.18 -24.45 -10.25
C THR B 326 6.39 -25.01 -11.66
N ASP B 327 7.59 -25.56 -11.88
CA ASP B 327 7.92 -26.10 -13.20
C ASP B 327 7.05 -27.29 -13.54
N ASP B 328 6.71 -28.12 -12.56
CA ASP B 328 5.75 -29.19 -12.78
C ASP B 328 4.31 -28.72 -12.61
N GLY B 329 4.10 -27.44 -12.33
CA GLY B 329 2.75 -26.89 -12.25
C GLY B 329 1.91 -27.47 -11.14
N MET B 330 2.53 -27.85 -10.02
CA MET B 330 1.77 -28.42 -8.93
C MET B 330 0.98 -27.37 -8.18
N ALA B 331 1.54 -26.18 -8.01
CA ALA B 331 0.87 -25.16 -7.21
C ALA B 331 1.47 -23.80 -7.52
N VAL B 332 0.65 -22.76 -7.36
CA VAL B 332 1.05 -21.37 -7.62
C VAL B 332 1.15 -20.63 -6.30
N ALA B 333 2.20 -19.84 -6.14
CA ALA B 333 2.42 -19.04 -4.94
C ALA B 333 2.33 -17.56 -5.29
N THR B 334 1.47 -16.84 -4.57
CA THR B 334 1.25 -15.43 -4.80
C THR B 334 1.74 -14.65 -3.59
N GLY B 335 2.64 -13.69 -3.82
CA GLY B 335 3.13 -12.81 -2.78
C GLY B 335 2.55 -11.43 -2.95
N SER B 336 1.94 -10.92 -1.88
CA SER B 336 1.23 -9.65 -1.91
C SER B 336 1.86 -8.69 -0.90
N TRP B 337 1.37 -7.45 -0.92
CA TRP B 337 1.86 -6.43 -0.01
C TRP B 337 1.44 -6.66 1.43
N ASP B 338 0.60 -7.66 1.68
CA ASP B 338 0.11 -7.97 3.05
C ASP B 338 1.17 -8.75 3.84
N SER B 339 2.37 -8.89 3.30
CA SER B 339 3.49 -9.57 3.94
C SER B 339 3.31 -11.08 4.02
N PHE B 340 2.42 -11.66 3.22
CA PHE B 340 2.14 -13.08 3.29
C PHE B 340 2.24 -13.72 1.91
N LEU B 341 2.83 -14.91 1.87
CA LEU B 341 2.88 -15.74 0.68
C LEU B 341 1.87 -16.87 0.83
N LYS B 342 1.03 -17.05 -0.18
CA LYS B 342 0.03 -18.11 -0.18
C LYS B 342 0.26 -19.01 -1.39
N ILE B 343 0.31 -20.31 -1.16
CA ILE B 343 0.46 -21.30 -2.22
C ILE B 343 -0.93 -21.84 -2.56
N TRP B 344 -1.36 -21.61 -3.81
CA TRP B 344 -2.72 -21.91 -4.24
C TRP B 344 -2.70 -23.16 -5.11
N ASN B 345 -2.90 -24.31 -4.49
CA ASN B 345 -3.03 -25.56 -5.23
C ASN B 345 -4.50 -25.94 -5.35
N THR C 6 26.54 13.50 -35.37
CA THR C 6 25.12 13.33 -35.65
C THR C 6 24.60 12.00 -35.08
N ALA C 7 24.32 12.00 -33.78
CA ALA C 7 23.80 10.81 -33.13
C ALA C 7 22.33 10.56 -33.44
N SER C 8 21.56 11.60 -33.75
CA SER C 8 20.15 11.41 -34.05
C SER C 8 19.95 10.59 -35.31
N ILE C 9 20.73 10.87 -36.36
CA ILE C 9 20.60 10.09 -37.59
C ILE C 9 21.11 8.68 -37.37
N ALA C 10 22.10 8.49 -36.49
CA ALA C 10 22.56 7.15 -36.16
C ALA C 10 21.46 6.35 -35.45
N GLN C 11 20.74 6.98 -34.51
CA GLN C 11 19.63 6.31 -33.85
C GLN C 11 18.52 6.00 -34.84
N ALA C 12 18.23 6.92 -35.76
CA ALA C 12 17.22 6.66 -36.77
C ALA C 12 17.62 5.49 -37.67
N ARG C 13 18.90 5.43 -38.05
CA ARG C 13 19.38 4.32 -38.87
C ARG C 13 19.28 3.00 -38.13
N LYS C 14 19.61 3.01 -36.83
CA LYS C 14 19.46 1.79 -36.03
C LYS C 14 18.01 1.36 -35.95
N LEU C 15 17.10 2.32 -35.78
CA LEU C 15 15.67 1.99 -35.77
C LEU C 15 15.23 1.42 -37.11
N VAL C 16 15.75 1.97 -38.22
CA VAL C 16 15.40 1.45 -39.53
C VAL C 16 15.90 0.02 -39.68
N GLU C 17 17.13 -0.25 -39.25
CA GLU C 17 17.68 -1.60 -39.34
C GLU C 17 16.87 -2.57 -38.50
N GLN C 18 16.50 -2.17 -37.28
CA GLN C 18 15.68 -3.05 -36.44
C GLN C 18 14.31 -3.29 -37.05
N LEU C 19 13.70 -2.25 -37.63
CA LEU C 19 12.39 -2.39 -38.25
C LEU C 19 12.46 -3.33 -39.45
N LYS C 20 13.53 -3.28 -40.24
CA LYS C 20 13.58 -4.15 -41.41
C LYS C 20 14.03 -5.57 -41.04
N MET C 21 14.76 -5.73 -39.93
CA MET C 21 14.87 -7.04 -39.30
C MET C 21 13.50 -7.60 -38.91
N GLU C 22 12.65 -6.75 -38.33
CA GLU C 22 11.29 -7.21 -37.95
C GLU C 22 10.49 -7.52 -39.22
N ALA C 23 10.75 -6.78 -40.30
CA ALA C 23 9.99 -6.95 -41.55
C ALA C 23 10.33 -8.26 -42.24
N ASN C 24 11.62 -8.57 -42.38
CA ASN C 24 12.01 -9.79 -43.10
C ASN C 24 12.00 -10.98 -42.14
N ILE C 25 10.81 -11.25 -41.60
CA ILE C 25 10.57 -12.36 -40.69
C ILE C 25 9.49 -13.25 -41.28
N ASP C 26 9.74 -14.55 -41.31
CA ASP C 26 8.80 -15.52 -41.87
C ASP C 26 7.65 -15.72 -40.88
N ARG C 27 6.62 -14.90 -41.07
CA ARG C 27 5.42 -14.98 -40.19
C ARG C 27 4.49 -16.07 -40.70
N ILE C 28 4.24 -17.10 -39.90
CA ILE C 28 3.31 -18.15 -40.28
C ILE C 28 1.90 -17.63 -40.06
N LYS C 29 0.91 -18.36 -40.57
CA LYS C 29 -0.47 -17.93 -40.47
C LYS C 29 -0.95 -17.99 -39.02
N VAL C 30 -1.76 -16.99 -38.64
CA VAL C 30 -2.33 -16.96 -37.29
C VAL C 30 -3.20 -18.18 -37.05
N SER C 31 -3.84 -18.70 -38.10
CA SER C 31 -4.57 -19.95 -37.96
C SER C 31 -3.64 -21.10 -37.60
N LYS C 32 -2.46 -21.16 -38.22
CA LYS C 32 -1.48 -22.18 -37.87
C LYS C 32 -1.00 -22.00 -36.44
N ALA C 33 -0.78 -20.76 -36.01
CA ALA C 33 -0.38 -20.52 -34.63
C ALA C 33 -1.45 -20.96 -33.65
N ALA C 34 -2.71 -20.66 -33.95
CA ALA C 34 -3.82 -21.08 -33.10
C ALA C 34 -3.91 -22.60 -33.02
N ALA C 35 -3.73 -23.27 -34.17
CA ALA C 35 -3.75 -24.72 -34.19
C ALA C 35 -2.60 -25.30 -33.36
N ASP C 36 -1.43 -24.68 -33.45
CA ASP C 36 -0.28 -25.15 -32.67
C ASP C 36 -0.54 -25.02 -31.17
N LEU C 37 -1.08 -23.88 -30.75
CA LEU C 37 -1.38 -23.70 -29.32
C LEU C 37 -2.46 -24.67 -28.87
N MET C 38 -3.49 -24.88 -29.71
CA MET C 38 -4.52 -25.87 -29.41
C MET C 38 -3.91 -27.26 -29.23
N ALA C 39 -3.02 -27.65 -30.14
CA ALA C 39 -2.40 -28.97 -30.06
C ALA C 39 -1.56 -29.10 -28.80
N TYR C 40 -0.80 -28.05 -28.45
CA TYR C 40 0.01 -28.10 -27.25
C TYR C 40 -0.86 -28.25 -26.00
N CYS C 41 -1.94 -27.46 -25.92
CA CYS C 41 -2.81 -27.54 -24.75
C CYS C 41 -3.49 -28.90 -24.66
N GLU C 42 -3.90 -29.46 -25.80
CA GLU C 42 -4.53 -30.78 -25.80
C GLU C 42 -3.53 -31.86 -25.40
N ALA C 43 -2.28 -31.75 -25.87
CA ALA C 43 -1.28 -32.74 -25.50
C ALA C 43 -0.97 -32.69 -24.01
N HIS C 44 -0.87 -31.48 -23.44
CA HIS C 44 -0.62 -31.32 -22.02
C HIS C 44 -1.90 -31.19 -21.21
N ALA C 45 -3.01 -31.71 -21.70
CA ALA C 45 -4.28 -31.54 -21.01
C ALA C 45 -4.30 -32.28 -19.67
N LYS C 46 -3.86 -33.53 -19.65
CA LYS C 46 -3.90 -34.34 -18.44
C LYS C 46 -2.62 -34.25 -17.62
N GLU C 47 -1.62 -33.52 -18.10
CA GLU C 47 -0.35 -33.38 -17.41
C GLU C 47 -0.33 -32.18 -16.47
N ASP C 48 -1.34 -31.32 -16.58
CA ASP C 48 -1.35 -30.07 -15.75
C ASP C 48 -2.16 -30.32 -14.48
N PRO C 49 -1.54 -30.29 -13.28
CA PRO C 49 -2.29 -30.44 -12.02
C PRO C 49 -3.39 -29.40 -11.84
N LEU C 50 -3.18 -28.17 -12.30
CA LEU C 50 -4.18 -27.13 -12.10
C LEU C 50 -5.38 -27.33 -13.03
N LEU C 51 -5.13 -27.66 -14.29
CA LEU C 51 -6.21 -27.90 -15.22
C LEU C 51 -7.02 -29.14 -14.83
N THR C 52 -6.33 -30.23 -14.53
CA THR C 52 -6.98 -31.45 -14.05
C THR C 52 -6.59 -31.67 -12.60
N PRO C 53 -7.49 -31.44 -11.64
CA PRO C 53 -7.11 -31.52 -10.23
C PRO C 53 -6.59 -32.91 -9.86
N VAL C 54 -5.58 -32.93 -8.99
CA VAL C 54 -4.87 -34.14 -8.61
C VAL C 54 -5.50 -34.67 -7.31
N PRO C 55 -5.56 -35.99 -7.12
CA PRO C 55 -6.05 -36.52 -5.84
C PRO C 55 -5.13 -36.13 -4.69
N ALA C 56 -5.73 -36.03 -3.50
CA ALA C 56 -5.00 -35.56 -2.32
C ALA C 56 -3.84 -36.47 -1.96
N SER C 57 -3.96 -37.77 -2.24
CA SER C 57 -2.85 -38.69 -1.97
C SER C 57 -1.63 -38.33 -2.81
N GLU C 58 -1.84 -38.07 -4.10
CA GLU C 58 -0.75 -37.62 -4.96
C GLU C 58 -0.41 -36.16 -4.72
N ASN C 59 -1.34 -35.38 -4.18
CA ASN C 59 -1.17 -33.96 -3.98
C ASN C 59 -0.16 -33.75 -2.84
N PRO C 60 0.97 -33.09 -3.10
CA PRO C 60 1.95 -32.86 -2.04
C PRO C 60 1.63 -31.66 -1.15
N PHE C 61 0.60 -30.88 -1.48
CA PHE C 61 0.22 -29.70 -0.72
C PHE C 61 -1.09 -29.92 0.02
N ARG C 62 -1.28 -31.10 0.58
CA ARG C 62 -2.47 -31.43 1.34
C ARG C 62 -2.56 -30.48 2.54
N GLN D 2 -0.17 0.01 -32.04
CA GLN D 2 0.88 0.80 -31.42
C GLN D 2 0.35 2.14 -30.93
N VAL D 3 0.79 2.55 -29.74
CA VAL D 3 0.40 3.84 -29.17
C VAL D 3 1.19 4.91 -29.92
N GLN D 4 0.55 5.56 -30.88
CA GLN D 4 1.19 6.56 -31.72
C GLN D 4 0.40 7.87 -31.67
N LEU D 5 1.12 8.98 -31.61
CA LEU D 5 0.51 10.31 -31.54
C LEU D 5 1.15 11.17 -32.63
N GLN D 6 0.41 11.39 -33.72
CA GLN D 6 0.89 12.22 -34.82
C GLN D 6 0.21 13.58 -34.75
N GLU D 7 1.01 14.64 -34.72
CA GLU D 7 0.49 15.99 -34.57
C GLU D 7 0.32 16.67 -35.93
N SER D 8 -0.57 17.65 -35.96
CA SER D 8 -0.87 18.40 -37.18
C SER D 8 -1.21 19.84 -36.81
N GLY D 9 -1.05 20.73 -37.78
CA GLY D 9 -1.29 22.14 -37.58
C GLY D 9 -0.01 22.92 -37.37
N GLY D 10 -0.16 24.11 -36.78
CA GLY D 10 0.98 24.93 -36.46
C GLY D 10 1.61 25.57 -37.68
N GLY D 11 2.92 25.82 -37.60
CA GLY D 11 3.64 26.42 -38.70
C GLY D 11 4.22 27.78 -38.35
N LEU D 12 4.02 28.76 -39.24
CA LEU D 12 4.53 30.11 -39.05
C LEU D 12 3.38 31.09 -38.94
N VAL D 13 3.51 32.04 -38.01
CA VAL D 13 2.48 33.04 -37.79
C VAL D 13 3.13 34.24 -37.10
N GLN D 14 2.62 35.43 -37.41
CA GLN D 14 3.04 36.65 -36.73
C GLN D 14 2.44 36.68 -35.32
N PRO D 15 3.03 37.46 -34.42
CA PRO D 15 2.49 37.54 -33.06
C PRO D 15 1.04 38.01 -33.05
N GLY D 16 0.25 37.43 -32.15
CA GLY D 16 -1.17 37.70 -32.08
C GLY D 16 -2.04 36.81 -32.94
N GLY D 17 -1.44 35.95 -33.77
CA GLY D 17 -2.20 35.08 -34.63
C GLY D 17 -2.74 33.86 -33.90
N SER D 18 -3.39 33.00 -34.67
CA SER D 18 -4.00 31.78 -34.13
C SER D 18 -3.68 30.60 -35.03
N LEU D 19 -3.32 29.47 -34.41
CA LEU D 19 -3.06 28.23 -35.15
C LEU D 19 -3.54 27.08 -34.29
N ARG D 20 -4.73 26.56 -34.60
CA ARG D 20 -5.27 25.43 -33.86
C ARG D 20 -4.41 24.19 -34.08
N LEU D 21 -4.04 23.52 -33.00
CA LEU D 21 -3.23 22.31 -33.05
C LEU D 21 -4.09 21.09 -32.78
N SER D 22 -3.95 20.07 -33.62
CA SER D 22 -4.66 18.81 -33.48
C SER D 22 -3.68 17.66 -33.68
N CYS D 23 -3.97 16.53 -33.04
CA CYS D 23 -3.14 15.34 -33.21
C CYS D 23 -4.02 14.11 -33.17
N ALA D 24 -3.82 13.22 -34.14
CA ALA D 24 -4.57 11.97 -34.20
C ALA D 24 -3.96 10.96 -33.24
N ALA D 25 -4.82 10.28 -32.48
CA ALA D 25 -4.38 9.30 -31.49
C ALA D 25 -4.90 7.93 -31.88
N SER D 26 -4.01 6.94 -31.85
CA SER D 26 -4.36 5.57 -32.18
C SER D 26 -3.63 4.62 -31.25
N GLY D 27 -4.15 3.41 -31.15
CA GLY D 27 -3.55 2.37 -30.34
C GLY D 27 -4.05 2.28 -28.91
N PHE D 28 -4.93 3.19 -28.48
CA PHE D 28 -5.44 3.16 -27.12
C PHE D 28 -6.82 3.78 -27.09
N THR D 29 -7.56 3.47 -26.02
CA THR D 29 -8.87 4.06 -25.78
C THR D 29 -8.66 5.49 -25.33
N PHE D 30 -8.66 6.43 -26.28
CA PHE D 30 -8.37 7.85 -25.98
C PHE D 30 -9.25 8.41 -24.86
N SER D 31 -10.50 7.95 -24.76
CA SER D 31 -11.43 8.54 -23.80
C SER D 31 -11.10 8.17 -22.36
N ASN D 32 -10.08 7.34 -22.12
CA ASN D 32 -9.75 6.88 -20.79
C ASN D 32 -8.45 7.45 -20.26
N TYR D 33 -7.75 8.27 -21.04
CA TYR D 33 -6.43 8.77 -20.67
C TYR D 33 -6.47 10.29 -20.55
N LYS D 34 -6.02 10.80 -19.41
CA LYS D 34 -5.87 12.24 -19.24
C LYS D 34 -4.83 12.76 -20.22
N MET D 35 -5.12 13.90 -20.85
CA MET D 35 -4.29 14.42 -21.92
C MET D 35 -3.46 15.60 -21.44
N ASN D 36 -2.44 15.94 -22.22
CA ASN D 36 -1.54 17.04 -21.92
C ASN D 36 -1.08 17.67 -23.23
N TRP D 37 -0.46 18.84 -23.12
CA TRP D 37 0.04 19.56 -24.29
C TRP D 37 1.42 20.14 -24.00
N VAL D 38 2.30 19.31 -23.43
CA VAL D 38 3.64 19.76 -23.08
C VAL D 38 4.40 20.24 -24.32
N ARG D 39 5.17 21.31 -24.16
CA ARG D 39 5.93 21.90 -25.25
C ARG D 39 7.42 21.90 -24.90
N GLN D 40 8.24 22.09 -25.94
CA GLN D 40 9.69 22.17 -25.78
C GLN D 40 10.20 23.34 -26.62
N ALA D 41 10.74 24.37 -25.94
CA ALA D 41 11.33 25.50 -26.64
C ALA D 41 12.79 25.20 -26.97
N PRO D 42 13.28 25.71 -28.10
CA PRO D 42 14.68 25.47 -28.47
C PRO D 42 15.64 26.11 -27.46
N GLY D 43 16.48 25.27 -26.86
CA GLY D 43 17.40 25.73 -25.84
C GLY D 43 16.87 25.72 -24.43
N LYS D 44 15.60 25.37 -24.23
CA LYS D 44 15.02 25.23 -22.91
C LYS D 44 14.41 23.84 -22.76
N GLY D 45 14.28 23.39 -21.52
CA GLY D 45 13.69 22.11 -21.24
C GLY D 45 12.21 22.07 -21.56
N LEU D 46 11.66 20.86 -21.58
CA LEU D 46 10.25 20.67 -21.90
C LEU D 46 9.37 21.38 -20.88
N GLU D 47 8.35 22.08 -21.37
CA GLU D 47 7.47 22.88 -20.54
C GLU D 47 6.03 22.41 -20.75
N TRP D 48 5.36 22.06 -19.67
CA TRP D 48 3.96 21.65 -19.72
C TRP D 48 3.08 22.89 -19.90
N VAL D 49 2.20 22.84 -20.90
CA VAL D 49 1.43 24.02 -21.28
C VAL D 49 -0.01 23.90 -20.81
N SER D 50 -0.73 22.90 -21.30
CA SER D 50 -2.15 22.77 -21.04
C SER D 50 -2.42 21.42 -20.39
N ASP D 51 -3.70 21.15 -20.16
CA ASP D 51 -4.13 19.91 -19.53
C ASP D 51 -5.64 19.81 -19.70
N ILE D 52 -6.16 18.59 -19.56
CA ILE D 52 -7.59 18.32 -19.62
C ILE D 52 -7.87 17.13 -18.72
N SER D 53 -9.15 16.82 -18.52
CA SER D 53 -9.54 15.69 -17.71
C SER D 53 -9.87 14.49 -18.60
N GLN D 54 -10.28 13.39 -17.97
CA GLN D 54 -10.68 12.21 -18.72
C GLN D 54 -11.92 12.50 -19.56
N SER D 55 -12.88 13.22 -18.99
CA SER D 55 -14.09 13.62 -19.70
C SER D 55 -14.08 15.09 -20.08
N GLY D 56 -12.95 15.77 -19.93
CA GLY D 56 -12.85 17.17 -20.26
C GLY D 56 -13.39 18.12 -19.21
N ALA D 57 -13.71 17.64 -18.01
CA ALA D 57 -14.27 18.51 -16.99
C ALA D 57 -13.20 19.37 -16.33
N SER D 58 -12.21 18.74 -15.70
CA SER D 58 -11.13 19.49 -15.06
C SER D 58 -10.12 19.93 -16.10
N ILE D 59 -9.91 21.23 -16.21
CA ILE D 59 -9.01 21.82 -17.19
C ILE D 59 -8.07 22.78 -16.48
N SER D 60 -6.78 22.68 -16.78
CA SER D 60 -5.79 23.53 -16.15
C SER D 60 -4.78 23.99 -17.19
N TYR D 61 -4.23 25.19 -16.98
CA TYR D 61 -3.28 25.78 -17.90
C TYR D 61 -2.09 26.31 -17.11
N THR D 62 -0.91 26.28 -17.75
CA THR D 62 0.24 26.91 -17.13
C THR D 62 0.09 28.42 -17.16
N GLY D 63 0.71 29.09 -16.20
CA GLY D 63 0.45 30.51 -15.98
C GLY D 63 0.83 31.38 -17.16
N SER D 64 1.90 31.03 -17.87
CA SER D 64 2.40 31.90 -18.92
C SER D 64 1.44 32.03 -20.10
N VAL D 65 0.51 31.10 -20.26
CA VAL D 65 -0.39 31.11 -21.41
C VAL D 65 -1.84 30.97 -20.97
N LYS D 66 -2.11 31.22 -19.69
CA LYS D 66 -3.48 31.09 -19.19
C LYS D 66 -4.42 32.06 -19.91
N GLY D 67 -5.58 31.56 -20.28
CA GLY D 67 -6.57 32.36 -20.99
C GLY D 67 -6.38 32.44 -22.48
N ARG D 68 -5.14 32.69 -22.92
CA ARG D 68 -4.84 32.83 -24.37
C ARG D 68 -5.05 31.49 -25.08
N PHE D 69 -4.67 30.37 -24.45
CA PHE D 69 -4.82 29.06 -25.07
C PHE D 69 -6.07 28.38 -24.51
N THR D 70 -6.51 27.34 -25.22
CA THR D 70 -7.70 26.60 -24.81
C THR D 70 -7.62 25.18 -25.35
N ILE D 71 -7.79 24.20 -24.48
CA ILE D 71 -7.77 22.80 -24.88
C ILE D 71 -9.20 22.30 -25.01
N SER D 72 -9.38 21.25 -25.81
CA SER D 72 -10.69 20.62 -25.97
C SER D 72 -10.48 19.22 -26.51
N ARG D 73 -11.32 18.29 -26.04
CA ARG D 73 -11.14 16.86 -26.40
C ARG D 73 -12.40 16.30 -27.05
N ASP D 74 -12.23 15.61 -28.18
CA ASP D 74 -13.31 14.93 -28.90
C ASP D 74 -13.04 13.44 -28.86
N ASN D 75 -13.79 12.72 -28.03
CA ASN D 75 -13.55 11.28 -27.87
C ASN D 75 -13.83 10.52 -29.16
N ALA D 76 -14.90 10.88 -29.87
CA ALA D 76 -15.24 10.18 -31.10
C ALA D 76 -14.16 10.36 -32.17
N LYS D 77 -13.60 11.57 -32.27
CA LYS D 77 -12.58 11.84 -33.28
C LYS D 77 -11.20 11.34 -32.90
N ASN D 78 -11.00 10.96 -31.63
CA ASN D 78 -9.68 10.53 -31.13
C ASN D 78 -8.62 11.58 -31.42
N THR D 79 -9.00 12.85 -31.24
CA THR D 79 -8.11 13.97 -31.50
C THR D 79 -8.19 14.96 -30.34
N LEU D 80 -7.03 15.49 -29.96
CA LEU D 80 -6.94 16.50 -28.92
C LEU D 80 -6.72 17.86 -29.57
N TYR D 81 -7.57 18.82 -29.23
CA TYR D 81 -7.55 20.13 -29.86
C TYR D 81 -7.09 21.18 -28.86
N LEU D 82 -6.12 22.00 -29.27
CA LEU D 82 -5.61 23.10 -28.46
C LEU D 82 -5.69 24.35 -29.32
N GLN D 83 -6.54 25.30 -28.93
CA GLN D 83 -6.72 26.54 -29.67
C GLN D 83 -5.85 27.63 -29.04
N MET D 84 -4.81 28.04 -29.75
CA MET D 84 -3.97 29.16 -29.30
C MET D 84 -4.38 30.41 -30.08
N ASN D 85 -5.02 31.33 -29.38
CA ASN D 85 -5.33 32.65 -29.92
C ASN D 85 -4.49 33.70 -29.21
N SER D 86 -4.19 34.77 -29.94
CA SER D 86 -3.32 35.86 -29.46
C SER D 86 -1.96 35.33 -29.05
N LEU D 87 -1.23 34.81 -30.03
CA LEU D 87 0.08 34.24 -29.80
C LEU D 87 1.11 35.32 -29.45
N LYS D 88 2.19 34.88 -28.83
CA LYS D 88 3.30 35.72 -28.43
C LYS D 88 4.60 35.18 -29.01
N PRO D 89 5.62 36.04 -29.16
CA PRO D 89 6.91 35.54 -29.69
C PRO D 89 7.54 34.46 -28.83
N GLU D 90 7.27 34.44 -27.53
CA GLU D 90 7.84 33.43 -26.65
C GLU D 90 7.18 32.08 -26.81
N ASP D 91 6.12 31.98 -27.62
CA ASP D 91 5.39 30.68 -27.76
C ASP D 91 6.11 29.76 -28.74
N THR D 92 7.11 30.28 -29.48
CA THR D 92 7.76 29.45 -30.49
C THR D 92 8.43 28.25 -29.83
N ALA D 93 7.99 27.05 -30.21
CA ALA D 93 8.43 25.81 -29.58
C ALA D 93 7.82 24.65 -30.35
N VAL D 94 8.22 23.44 -29.97
CA VAL D 94 7.63 22.23 -30.50
C VAL D 94 6.64 21.69 -29.48
N TYR D 95 5.44 21.34 -29.95
CA TYR D 95 4.33 20.99 -29.08
C TYR D 95 4.04 19.50 -29.18
N TYR D 96 3.91 18.85 -28.02
CA TYR D 96 3.63 17.42 -27.91
C TYR D 96 2.30 17.26 -27.20
N CYS D 97 1.39 16.47 -27.78
CA CYS D 97 0.14 16.13 -27.11
C CYS D 97 0.29 14.81 -26.36
N ALA D 98 1.28 14.78 -25.48
CA ALA D 98 1.62 13.57 -24.74
C ALA D 98 0.52 13.25 -23.74
N ARG D 99 0.03 12.02 -23.78
CA ARG D 99 -0.96 11.60 -22.75
C ARG D 99 -0.16 11.18 -21.53
N CYS D 100 -0.79 10.60 -20.53
CA CYS D 100 -0.05 10.09 -19.41
C CYS D 100 -0.35 8.61 -19.19
N PRO D 101 0.62 7.84 -18.66
CA PRO D 101 0.59 6.38 -18.86
C PRO D 101 -0.63 5.69 -18.29
N ALA D 102 -1.15 6.16 -17.16
CA ALA D 102 -2.13 5.19 -16.72
C ALA D 102 -3.54 5.62 -17.09
N PRO D 103 -4.42 4.67 -17.39
CA PRO D 103 -5.83 4.99 -17.58
C PRO D 103 -6.59 4.98 -16.26
N PHE D 104 -7.78 5.59 -16.29
CA PHE D 104 -8.66 5.63 -15.13
C PHE D 104 -7.99 6.30 -13.93
N THR D 105 -7.10 7.26 -14.21
CA THR D 105 -6.38 7.93 -13.15
C THR D 105 -6.25 9.42 -13.48
N ARG D 106 -6.04 10.21 -12.44
CA ARG D 106 -5.83 11.65 -12.58
C ARG D 106 -4.36 12.04 -12.53
N ASP D 107 -3.53 11.25 -11.88
CA ASP D 107 -2.11 11.58 -11.70
C ASP D 107 -1.35 11.25 -12.98
N CYS D 108 -0.97 12.29 -13.72
CA CYS D 108 -0.07 12.07 -14.87
C CYS D 108 1.32 12.27 -14.28
N PHE D 109 1.92 11.23 -13.69
CA PHE D 109 3.19 11.39 -12.93
C PHE D 109 4.38 11.83 -13.78
N ASP D 110 4.63 11.17 -14.90
CA ASP D 110 5.86 11.52 -15.66
C ASP D 110 5.54 11.80 -17.12
N VAL D 111 5.26 13.07 -17.45
CA VAL D 111 4.94 13.41 -18.83
C VAL D 111 6.04 14.25 -19.48
N THR D 112 6.54 15.26 -18.78
CA THR D 112 7.55 16.16 -19.31
C THR D 112 8.96 15.57 -19.29
N SER D 113 9.09 14.26 -19.09
CA SER D 113 10.39 13.62 -19.10
C SER D 113 11.02 13.68 -20.49
N THR D 114 12.36 13.65 -20.52
CA THR D 114 13.08 13.81 -21.77
C THR D 114 12.78 12.69 -22.76
N THR D 115 12.55 11.47 -22.27
CA THR D 115 12.33 10.31 -23.12
C THR D 115 11.03 9.62 -22.72
N TYR D 116 9.96 10.40 -22.64
CA TYR D 116 8.65 9.84 -22.35
C TYR D 116 8.19 8.96 -23.51
N ALA D 117 7.61 7.80 -23.17
CA ALA D 117 7.29 6.81 -24.19
C ALA D 117 6.08 7.21 -25.02
N TYR D 118 5.04 7.74 -24.38
CA TYR D 118 3.75 7.97 -25.03
C TYR D 118 3.57 9.43 -25.45
N ARG D 119 4.62 10.10 -25.88
CA ARG D 119 4.52 11.46 -26.37
C ARG D 119 4.49 11.47 -27.89
N GLY D 120 3.95 12.55 -28.43
CA GLY D 120 3.80 12.67 -29.87
C GLY D 120 5.09 13.05 -30.58
N GLN D 121 5.02 13.03 -31.91
CA GLN D 121 6.19 13.40 -32.71
C GLN D 121 6.53 14.87 -32.53
N GLY D 122 5.53 15.75 -32.61
CA GLY D 122 5.74 17.16 -32.37
C GLY D 122 5.41 18.07 -33.53
N THR D 123 4.95 19.28 -33.22
CA THR D 123 4.67 20.30 -34.21
C THR D 123 5.50 21.53 -33.90
N GLN D 124 6.35 21.93 -34.83
CA GLN D 124 7.16 23.13 -34.68
C GLN D 124 6.31 24.34 -35.05
N VAL D 125 6.00 25.18 -34.05
CA VAL D 125 5.24 26.40 -34.26
C VAL D 125 6.20 27.57 -34.12
N THR D 126 6.35 28.35 -35.18
CA THR D 126 7.29 29.47 -35.23
C THR D 126 6.51 30.77 -35.20
N VAL D 127 6.73 31.58 -34.18
CA VAL D 127 6.10 32.89 -34.04
C VAL D 127 7.19 33.94 -34.03
N SER D 128 7.12 34.88 -34.96
CA SER D 128 8.13 35.92 -35.08
C SER D 128 7.51 37.26 -35.49
N VAL E 178 -43.53 -11.43 34.34
CA VAL E 178 -43.57 -12.70 35.04
C VAL E 178 -42.13 -13.19 35.21
N ARG E 179 -41.94 -14.14 36.13
CA ARG E 179 -40.62 -14.71 36.40
C ARG E 179 -40.03 -15.32 35.12
N ALA E 180 -40.88 -15.98 34.32
CA ALA E 180 -40.40 -16.58 33.08
C ALA E 180 -39.88 -15.53 32.12
N SER E 181 -40.62 -14.43 31.94
CA SER E 181 -40.18 -13.36 31.03
C SER E 181 -38.91 -12.71 31.54
N LEU E 182 -38.82 -12.49 32.85
CA LEU E 182 -37.61 -11.88 33.42
C LEU E 182 -36.41 -12.78 33.21
N TYR E 183 -36.57 -14.09 33.46
CA TYR E 183 -35.48 -15.03 33.24
C TYR E 183 -35.12 -15.09 31.75
N SER E 184 -36.10 -14.92 30.87
CA SER E 184 -35.81 -14.82 29.45
C SER E 184 -34.95 -13.61 29.15
N LEU E 185 -35.22 -12.48 29.81
CA LEU E 185 -34.39 -11.30 29.65
C LEU E 185 -32.95 -11.58 30.08
N MET E 186 -32.80 -12.20 31.24
CA MET E 186 -31.44 -12.47 31.76
C MET E 186 -30.72 -13.45 30.83
N VAL E 187 -31.41 -14.47 30.32
CA VAL E 187 -30.74 -15.47 29.48
C VAL E 187 -30.38 -14.86 28.13
N LEU E 188 -31.20 -13.94 27.62
CA LEU E 188 -30.84 -13.23 26.41
C LEU E 188 -29.58 -12.41 26.63
N ILE E 189 -29.49 -11.72 27.78
CA ILE E 189 -28.28 -10.94 28.07
C ILE E 189 -27.06 -11.85 28.15
N ILE E 190 -27.21 -13.01 28.80
CA ILE E 190 -26.08 -13.92 29.00
C ILE E 190 -25.60 -14.46 27.66
N LEU E 191 -26.52 -14.91 26.81
CA LEU E 191 -26.12 -15.40 25.49
C LEU E 191 -25.49 -14.29 24.67
N THR E 192 -26.02 -13.07 24.75
CA THR E 192 -25.44 -11.97 24.00
C THR E 192 -23.99 -11.73 24.41
N THR E 193 -23.74 -11.58 25.71
CA THR E 193 -22.38 -11.31 26.16
C THR E 193 -21.45 -12.48 25.84
N LEU E 194 -21.94 -13.71 26.03
CA LEU E 194 -21.13 -14.89 25.76
C LEU E 194 -20.70 -14.93 24.30
N VAL E 195 -21.66 -14.77 23.39
CA VAL E 195 -21.33 -14.89 21.96
C VAL E 195 -20.45 -13.74 21.52
N GLY E 196 -20.73 -12.52 22.00
CA GLY E 196 -19.91 -11.39 21.60
C GLY E 196 -18.47 -11.56 22.02
N ASN E 197 -18.24 -11.92 23.29
CA ASN E 197 -16.88 -12.09 23.75
C ASN E 197 -16.21 -13.31 23.11
N LEU E 198 -16.99 -14.33 22.78
CA LEU E 198 -16.42 -15.49 22.08
C LEU E 198 -15.93 -15.10 20.68
N ILE E 199 -16.74 -14.30 20.00
CA ILE E 199 -16.35 -13.81 18.64
C ILE E 199 -15.05 -13.02 18.78
N VAL E 200 -15.00 -12.11 19.76
CA VAL E 200 -13.81 -11.28 19.93
C VAL E 200 -12.59 -12.15 20.24
N ILE E 201 -12.74 -13.10 21.16
CA ILE E 201 -11.62 -13.95 21.55
C ILE E 201 -11.09 -14.72 20.35
N VAL E 202 -11.99 -15.37 19.60
CA VAL E 202 -11.54 -16.18 18.47
C VAL E 202 -10.97 -15.31 17.36
N SER E 203 -11.47 -14.06 17.23
CA SER E 203 -10.99 -13.19 16.17
C SER E 203 -9.56 -12.73 16.42
N ILE E 204 -9.27 -12.26 17.64
CA ILE E 204 -7.88 -11.89 17.92
C ILE E 204 -6.97 -13.13 17.98
N SER E 205 -7.45 -14.24 18.53
CA SER E 205 -6.59 -15.42 18.61
C SER E 205 -6.25 -15.98 17.24
N HIS E 206 -7.25 -16.06 16.35
CA HIS E 206 -7.07 -16.71 15.05
C HIS E 206 -6.24 -15.86 14.08
N PHE E 207 -6.72 -14.65 13.80
CA PHE E 207 -6.15 -13.85 12.72
C PHE E 207 -4.78 -13.31 13.11
N LYS E 208 -3.79 -13.52 12.23
CA LYS E 208 -2.42 -13.11 12.52
C LYS E 208 -2.26 -11.60 12.56
N GLN E 209 -2.95 -10.87 11.69
CA GLN E 209 -2.81 -9.42 11.66
C GLN E 209 -3.31 -8.77 12.94
N LEU E 210 -4.28 -9.36 13.62
CA LEU E 210 -4.80 -8.81 14.86
C LEU E 210 -4.02 -9.33 16.06
N HIS E 211 -2.71 -9.12 16.06
CA HIS E 211 -1.85 -9.48 17.18
C HIS E 211 -1.19 -8.25 17.77
N THR E 212 -1.79 -7.08 17.55
CA THR E 212 -1.29 -5.85 18.13
C THR E 212 -1.46 -5.89 19.65
N PRO E 213 -0.55 -5.25 20.39
CA PRO E 213 -0.73 -5.17 21.86
C PRO E 213 -2.06 -4.61 22.30
N THR E 214 -2.60 -3.61 21.59
CA THR E 214 -3.94 -3.13 21.89
C THR E 214 -4.97 -4.24 21.70
N ASN E 215 -4.82 -5.02 20.62
CA ASN E 215 -5.69 -6.16 20.41
C ASN E 215 -5.53 -7.19 21.52
N TRP E 216 -4.35 -7.26 22.14
CA TRP E 216 -4.16 -8.20 23.24
C TRP E 216 -4.86 -7.72 24.51
N LEU E 217 -4.82 -6.42 24.78
CA LEU E 217 -5.65 -5.88 25.87
C LEU E 217 -7.12 -6.16 25.62
N ILE E 218 -7.58 -5.96 24.38
CA ILE E 218 -8.99 -6.20 24.07
C ILE E 218 -9.33 -7.67 24.21
N HIS E 219 -8.41 -8.56 23.81
CA HIS E 219 -8.65 -9.99 23.96
C HIS E 219 -8.71 -10.40 25.42
N SER E 220 -7.82 -9.87 26.24
CA SER E 220 -7.86 -10.18 27.67
C SER E 220 -9.14 -9.67 28.31
N MET E 221 -9.58 -8.47 27.92
CA MET E 221 -10.85 -7.94 28.43
C MET E 221 -12.02 -8.82 27.99
N ALA E 222 -12.00 -9.28 26.74
CA ALA E 222 -13.04 -10.16 26.26
C ALA E 222 -13.03 -11.49 27.02
N THR E 223 -11.84 -11.98 27.37
CA THR E 223 -11.75 -13.17 28.21
C THR E 223 -12.37 -12.93 29.58
N VAL E 224 -12.09 -11.75 30.17
CA VAL E 224 -12.69 -11.40 31.45
C VAL E 224 -14.21 -11.43 31.35
N ASP E 225 -14.75 -10.81 30.31
CA ASP E 225 -16.20 -10.74 30.15
C ASP E 225 -16.80 -12.10 29.86
N PHE E 226 -16.11 -12.93 29.08
CA PHE E 226 -16.59 -14.29 28.82
C PHE E 226 -16.63 -15.10 30.09
N LEU E 227 -15.57 -15.04 30.90
CA LEU E 227 -15.55 -15.76 32.17
C LEU E 227 -16.65 -15.25 33.08
N LEU E 228 -16.87 -13.94 33.10
CA LEU E 228 -17.95 -13.39 33.90
C LEU E 228 -19.30 -13.94 33.47
N GLY E 229 -19.61 -13.85 32.18
CA GLY E 229 -20.87 -14.36 31.68
C GLY E 229 -21.05 -15.85 31.74
N CYS E 230 -19.96 -16.60 31.92
CA CYS E 230 -20.10 -18.05 31.98
C CYS E 230 -19.99 -18.58 33.41
N LEU E 231 -19.51 -17.76 34.35
CA LEU E 231 -19.25 -18.24 35.69
C LEU E 231 -20.00 -17.49 36.79
N VAL E 232 -20.57 -16.32 36.48
CA VAL E 232 -21.22 -15.53 37.52
C VAL E 232 -22.66 -15.23 37.13
N MET E 233 -22.83 -14.71 35.91
CA MET E 233 -24.16 -14.34 35.44
C MET E 233 -25.16 -15.49 35.48
N PRO E 234 -24.82 -16.73 35.10
CA PRO E 234 -25.81 -17.81 35.19
C PRO E 234 -26.34 -18.03 36.61
N TYR E 235 -25.49 -17.86 37.63
CA TYR E 235 -25.94 -18.06 39.00
C TYR E 235 -26.55 -16.78 39.58
N SER E 236 -26.12 -15.61 39.10
CA SER E 236 -26.83 -14.39 39.42
C SER E 236 -28.26 -14.45 38.89
N MET E 237 -28.48 -15.17 37.79
CA MET E 237 -29.83 -15.41 37.30
C MET E 237 -30.67 -16.11 38.36
N VAL E 238 -30.15 -17.18 38.95
CA VAL E 238 -30.89 -17.90 39.98
C VAL E 238 -31.12 -17.03 41.20
N ARG E 239 -30.08 -16.31 41.63
CA ARG E 239 -30.22 -15.42 42.77
C ARG E 239 -31.18 -14.27 42.49
N SER E 240 -31.44 -13.95 41.23
CA SER E 240 -32.32 -12.86 40.85
C SER E 240 -33.77 -13.31 40.74
N ALA E 241 -34.02 -14.28 39.85
CA ALA E 241 -35.40 -14.70 39.58
C ALA E 241 -36.06 -15.32 40.81
N GLU E 242 -35.29 -16.07 41.61
CA GLU E 242 -35.85 -16.77 42.76
C GLU E 242 -35.71 -15.99 44.06
N HIS E 243 -34.94 -14.89 44.06
CA HIS E 243 -34.77 -14.03 45.23
C HIS E 243 -34.14 -14.78 46.41
N CYS E 244 -33.68 -16.01 46.18
CA CYS E 244 -33.08 -16.82 47.22
C CYS E 244 -31.96 -17.66 46.63
N TRP E 245 -30.91 -17.88 47.41
CA TRP E 245 -29.80 -18.71 46.96
C TRP E 245 -30.23 -20.17 46.89
N TYR E 246 -29.93 -20.82 45.76
CA TYR E 246 -30.23 -22.23 45.56
C TYR E 246 -28.98 -23.11 45.64
N PHE E 247 -27.88 -22.57 46.17
CA PHE E 247 -26.62 -23.30 46.20
C PHE E 247 -26.00 -23.28 47.59
N GLY E 248 -24.77 -23.76 47.70
CA GLY E 248 -24.09 -23.82 48.99
C GLY E 248 -23.58 -22.48 49.45
N GLU E 249 -23.38 -22.36 50.76
CA GLU E 249 -22.90 -21.11 51.34
C GLU E 249 -21.49 -20.81 50.88
N VAL E 250 -20.59 -21.79 50.98
CA VAL E 250 -19.22 -21.61 50.50
C VAL E 250 -19.23 -21.33 49.00
N PHE E 251 -20.15 -21.97 48.27
CA PHE E 251 -20.32 -21.64 46.86
C PHE E 251 -20.73 -20.19 46.70
N CYS E 252 -21.53 -19.67 47.64
CA CYS E 252 -21.93 -18.27 47.55
C CYS E 252 -20.76 -17.33 47.78
N LYS E 253 -19.89 -17.65 48.75
CA LYS E 253 -18.68 -16.83 48.90
C LYS E 253 -17.80 -16.88 47.66
N ILE E 254 -17.63 -18.07 47.07
CA ILE E 254 -16.83 -18.16 45.84
C ILE E 254 -17.49 -17.37 44.71
N HIS E 255 -18.81 -17.39 44.65
CA HIS E 255 -19.52 -16.68 43.59
C HIS E 255 -19.36 -15.16 43.74
N THR E 256 -19.54 -14.64 44.95
CA THR E 256 -19.30 -13.23 45.18
C THR E 256 -17.84 -12.87 44.89
N SER E 257 -16.93 -13.75 45.28
CA SER E 257 -15.51 -13.54 45.01
C SER E 257 -15.26 -13.38 43.51
N THR E 258 -15.76 -14.35 42.72
CA THR E 258 -15.52 -14.34 41.29
C THR E 258 -16.20 -13.15 40.63
N ASP E 259 -17.41 -12.82 41.09
CA ASP E 259 -18.14 -11.65 40.53
C ASP E 259 -17.31 -10.39 40.73
N ILE E 260 -16.92 -10.10 41.97
CA ILE E 260 -16.14 -8.90 42.24
C ILE E 260 -14.86 -8.91 41.44
N MET E 261 -14.17 -10.04 41.39
CA MET E 261 -12.85 -10.04 40.70
C MET E 261 -13.10 -9.75 39.22
N LEU E 262 -14.03 -10.46 38.59
CA LEU E 262 -14.19 -10.29 37.15
C LEU E 262 -14.70 -8.90 36.80
N SER E 263 -15.57 -8.32 37.64
CA SER E 263 -16.04 -6.96 37.36
C SER E 263 -14.90 -5.95 37.48
N SER E 264 -14.12 -6.04 38.57
CA SER E 264 -12.98 -5.15 38.71
C SER E 264 -11.95 -5.40 37.62
N ALA E 265 -11.82 -6.64 37.16
CA ALA E 265 -10.90 -6.93 36.06
C ALA E 265 -11.36 -6.26 34.78
N SER E 266 -12.67 -6.32 34.49
CA SER E 266 -13.19 -5.66 33.30
C SER E 266 -12.99 -4.16 33.35
N ILE E 267 -13.23 -3.56 34.52
CA ILE E 267 -13.05 -2.12 34.64
C ILE E 267 -11.58 -1.74 34.54
N PHE E 268 -10.69 -2.56 35.12
CA PHE E 268 -9.26 -2.33 34.95
C PHE E 268 -8.85 -2.41 33.49
N HIS E 269 -9.40 -3.39 32.77
CA HIS E 269 -9.09 -3.51 31.35
C HIS E 269 -9.57 -2.29 30.58
N LEU E 270 -10.75 -1.77 30.92
CA LEU E 270 -11.22 -0.54 30.30
C LEU E 270 -10.25 0.60 30.54
N SER E 271 -9.81 0.76 31.79
CA SER E 271 -8.88 1.83 32.12
C SER E 271 -7.55 1.66 31.39
N PHE E 272 -7.06 0.43 31.26
CA PHE E 272 -5.80 0.20 30.59
C PHE E 272 -5.89 0.40 29.08
N ILE E 273 -7.03 0.04 28.47
CA ILE E 273 -7.24 0.37 27.07
C ILE E 273 -7.29 1.89 26.89
N SER E 274 -7.84 2.59 27.87
CA SER E 274 -7.87 4.06 27.77
C SER E 274 -6.46 4.61 27.87
N ILE E 275 -5.62 4.06 28.75
CA ILE E 275 -4.23 4.50 28.83
C ILE E 275 -3.50 4.21 27.52
N ASP E 276 -3.75 3.03 26.94
CA ASP E 276 -3.18 2.67 25.65
C ASP E 276 -3.52 3.71 24.60
N ARG E 277 -4.80 4.05 24.47
CA ARG E 277 -5.19 5.04 23.48
C ARG E 277 -4.68 6.44 23.82
N TYR E 278 -4.50 6.75 25.09
CA TYR E 278 -3.91 8.06 25.44
C TYR E 278 -2.49 8.12 24.89
N TYR E 279 -1.71 7.05 25.09
CA TYR E 279 -0.38 7.07 24.50
C TYR E 279 -0.43 7.10 22.99
N ALA E 280 -1.31 6.32 22.37
CA ALA E 280 -1.39 6.27 20.91
C ALA E 280 -1.78 7.62 20.32
N VAL E 281 -2.48 8.45 21.10
CA VAL E 281 -2.92 9.74 20.58
C VAL E 281 -1.99 10.88 20.97
N CYS E 282 -1.63 11.01 22.24
CA CYS E 282 -0.83 12.14 22.70
C CYS E 282 0.67 11.91 22.61
N ASP E 283 1.11 10.67 22.38
CA ASP E 283 2.52 10.38 22.08
C ASP E 283 2.56 9.42 20.90
N PRO E 284 2.15 9.88 19.72
CA PRO E 284 2.06 8.95 18.58
C PRO E 284 3.40 8.37 18.16
N LEU E 285 4.50 9.12 18.31
CA LEU E 285 5.79 8.67 17.81
C LEU E 285 6.40 7.61 18.72
N ARG E 286 6.66 7.96 19.98
CA ARG E 286 7.20 6.98 20.96
C ARG E 286 6.04 6.16 21.54
N TYR E 287 5.21 5.57 20.68
CA TYR E 287 4.07 4.75 21.10
C TYR E 287 4.43 3.28 21.14
N LYS E 288 4.89 2.72 20.02
CA LYS E 288 5.27 1.31 19.99
C LYS E 288 6.49 1.04 20.86
N ALA E 289 7.29 2.05 21.18
CA ALA E 289 8.41 1.90 22.09
C ALA E 289 8.01 2.10 23.56
N LYS E 290 6.81 2.59 23.82
CA LYS E 290 6.31 2.73 25.18
C LYS E 290 5.20 1.76 25.52
N MET E 291 4.47 1.30 24.50
CA MET E 291 3.35 0.35 24.72
C MET E 291 3.59 -0.91 23.89
N ASN E 292 4.46 -1.81 24.35
CA ASN E 292 4.79 -3.06 23.67
C ASN E 292 4.20 -4.24 24.43
N ILE E 293 4.55 -5.44 23.95
CA ILE E 293 3.98 -6.66 24.54
C ILE E 293 4.35 -6.79 26.00
N LEU E 294 5.55 -6.36 26.39
CA LEU E 294 5.95 -6.43 27.79
C LEU E 294 5.03 -5.60 28.68
N VAL E 295 4.82 -4.33 28.32
CA VAL E 295 3.96 -3.47 29.12
C VAL E 295 2.53 -3.95 29.07
N ILE E 296 2.05 -4.36 27.90
CA ILE E 296 0.66 -4.91 27.86
C ILE E 296 0.58 -6.07 28.85
N CYS E 297 1.45 -7.07 28.73
CA CYS E 297 1.32 -8.23 29.62
C CYS E 297 1.39 -7.81 31.08
N VAL E 298 2.18 -6.79 31.40
CA VAL E 298 2.15 -6.25 32.76
C VAL E 298 0.75 -5.73 33.09
N MET E 299 0.14 -5.01 32.15
CA MET E 299 -1.21 -4.48 32.37
C MET E 299 -2.22 -5.61 32.55
N ILE E 300 -2.11 -6.67 31.74
CA ILE E 300 -3.02 -7.80 31.87
C ILE E 300 -2.83 -8.51 33.21
N PHE E 301 -1.57 -8.66 33.65
CA PHE E 301 -1.30 -9.26 34.94
C PHE E 301 -1.91 -8.43 36.07
N ILE E 302 -1.75 -7.11 36.00
CA ILE E 302 -2.34 -6.24 37.00
C ILE E 302 -3.86 -6.28 36.98
N SER E 303 -4.46 -6.37 35.79
CA SER E 303 -5.91 -6.42 35.65
C SER E 303 -6.51 -7.75 36.07
N TRP E 304 -5.73 -8.83 36.09
CA TRP E 304 -6.24 -10.12 36.55
C TRP E 304 -5.87 -10.44 38.00
N SER E 305 -4.76 -9.93 38.51
CA SER E 305 -4.25 -10.35 39.82
C SER E 305 -4.70 -9.41 40.94
N VAL E 306 -4.54 -8.10 40.72
CA VAL E 306 -4.98 -7.13 41.73
C VAL E 306 -6.47 -7.27 42.06
N PRO E 307 -7.38 -7.40 41.07
CA PRO E 307 -8.76 -7.75 41.42
C PRO E 307 -8.84 -9.07 42.18
N ALA E 308 -8.04 -10.06 41.78
CA ALA E 308 -8.07 -11.35 42.46
C ALA E 308 -7.65 -11.19 43.92
N VAL E 309 -6.49 -10.58 44.15
CA VAL E 309 -6.01 -10.35 45.51
C VAL E 309 -7.08 -9.61 46.31
N PHE E 310 -7.46 -8.41 45.85
CA PHE E 310 -8.40 -7.59 46.61
C PHE E 310 -9.69 -8.35 46.90
N ALA E 311 -10.41 -8.76 45.86
CA ALA E 311 -11.70 -9.42 46.03
C ALA E 311 -11.60 -10.66 46.90
N PHE E 312 -10.82 -11.66 46.46
CA PHE E 312 -10.77 -12.92 47.17
C PHE E 312 -10.29 -12.74 48.60
N GLY E 313 -9.20 -12.00 48.82
CA GLY E 313 -8.72 -11.78 50.16
C GLY E 313 -9.75 -11.13 51.05
N MET E 314 -10.31 -9.99 50.62
CA MET E 314 -11.28 -9.31 51.47
C MET E 314 -12.46 -10.20 51.80
N ILE E 315 -13.08 -10.81 50.79
CA ILE E 315 -14.33 -11.52 51.00
C ILE E 315 -14.09 -12.81 51.80
N PHE E 316 -12.95 -13.48 51.58
CA PHE E 316 -12.75 -14.77 52.24
C PHE E 316 -12.14 -14.62 53.62
N LEU E 317 -11.15 -13.73 53.75
CA LEU E 317 -10.63 -13.44 55.11
C LEU E 317 -11.76 -12.69 55.83
N GLU E 318 -12.89 -12.46 55.14
CA GLU E 318 -14.08 -11.82 55.77
C GLU E 318 -13.81 -10.39 56.25
N LEU E 319 -13.43 -9.49 55.34
CA LEU E 319 -13.24 -8.06 55.72
C LEU E 319 -14.47 -7.29 55.22
N ASN E 320 -15.31 -7.94 54.40
CA ASN E 320 -16.51 -7.28 53.83
C ASN E 320 -17.20 -6.49 54.94
N PHE E 321 -17.37 -7.10 56.11
CA PHE E 321 -17.96 -6.41 57.25
C PHE E 321 -17.16 -6.56 58.53
N LYS E 322 -15.87 -6.85 58.44
CA LYS E 322 -15.01 -6.78 59.62
C LYS E 322 -15.04 -5.36 60.18
N GLY E 323 -15.38 -5.24 61.46
CA GLY E 323 -15.60 -3.97 62.10
C GLY E 323 -17.06 -3.62 62.30
N ALA E 324 -17.97 -4.33 61.62
CA ALA E 324 -19.41 -4.13 61.79
C ALA E 324 -20.07 -5.50 61.61
N GLU E 325 -20.32 -6.18 62.72
CA GLU E 325 -20.77 -7.57 62.68
C GLU E 325 -22.26 -7.72 62.96
N GLU E 326 -22.77 -7.02 63.98
CA GLU E 326 -24.17 -7.18 64.37
C GLU E 326 -25.11 -6.74 63.26
N ILE E 327 -24.82 -5.58 62.65
CA ILE E 327 -25.66 -5.09 61.56
C ILE E 327 -25.61 -6.04 60.38
N TYR E 328 -24.43 -6.58 60.07
CA TYR E 328 -24.30 -7.53 58.98
C TYR E 328 -25.11 -8.79 59.23
N TYR E 329 -25.04 -9.31 60.45
CA TYR E 329 -25.81 -10.50 60.79
C TYR E 329 -27.30 -10.23 60.70
N LYS E 330 -27.74 -9.07 61.18
CA LYS E 330 -29.16 -8.72 61.07
C LYS E 330 -29.58 -8.62 59.61
N HIS E 331 -28.74 -8.01 58.77
CA HIS E 331 -29.08 -7.85 57.36
C HIS E 331 -29.16 -9.20 56.65
N VAL E 332 -28.20 -10.09 56.92
CA VAL E 332 -28.21 -11.40 56.27
C VAL E 332 -29.26 -12.33 56.85
N HIS E 333 -29.79 -12.03 58.03
CA HIS E 333 -30.89 -12.81 58.58
C HIS E 333 -32.26 -12.26 58.22
N CYS E 334 -32.34 -10.98 57.82
CA CYS E 334 -33.63 -10.39 57.49
C CYS E 334 -34.24 -11.02 56.23
N ARG E 335 -33.47 -11.10 55.16
CA ARG E 335 -33.98 -11.62 53.90
C ARG E 335 -32.82 -12.04 53.01
N GLY E 336 -33.13 -12.84 52.00
CA GLY E 336 -32.15 -13.27 51.04
C GLY E 336 -31.32 -14.44 51.52
N GLY E 337 -31.10 -15.43 50.64
CA GLY E 337 -30.24 -16.54 51.02
C GLY E 337 -28.81 -16.10 51.29
N CYS E 338 -28.26 -15.28 50.40
CA CYS E 338 -26.97 -14.64 50.62
C CYS E 338 -26.80 -13.53 49.59
N SER E 339 -26.40 -12.35 50.06
CA SER E 339 -26.18 -11.20 49.20
C SER E 339 -24.85 -10.56 49.55
N VAL E 340 -24.31 -9.79 48.62
CA VAL E 340 -23.06 -9.10 48.87
C VAL E 340 -23.30 -7.99 49.87
N PHE E 341 -22.56 -8.00 50.97
CA PHE E 341 -22.73 -7.02 52.03
C PHE E 341 -21.43 -6.24 52.18
N PHE E 342 -21.53 -4.91 52.19
CA PHE E 342 -20.37 -4.04 52.32
C PHE E 342 -20.55 -3.12 53.52
N SER E 343 -19.51 -3.04 54.35
CA SER E 343 -19.50 -2.09 55.44
C SER E 343 -19.14 -0.70 54.89
N LYS E 344 -19.08 0.28 55.79
CA LYS E 344 -18.71 1.62 55.37
C LYS E 344 -17.28 1.66 54.83
N ILE E 345 -16.32 1.15 55.61
CA ILE E 345 -14.93 1.15 55.18
C ILE E 345 -14.75 0.26 53.95
N SER E 346 -15.31 -0.95 54.00
CA SER E 346 -15.18 -1.87 52.88
C SER E 346 -15.91 -1.34 51.65
N GLY E 347 -17.07 -0.69 51.86
CA GLY E 347 -17.77 -0.11 50.73
C GLY E 347 -16.98 0.98 50.04
N VAL E 348 -16.41 1.90 50.83
CA VAL E 348 -15.59 2.95 50.25
C VAL E 348 -14.37 2.37 49.56
N LEU E 349 -13.76 1.34 50.18
CA LEU E 349 -12.57 0.73 49.59
C LEU E 349 -12.88 0.06 48.27
N THR E 350 -13.96 -0.73 48.20
CA THR E 350 -14.31 -1.39 46.95
C THR E 350 -14.72 -0.39 45.89
N PHE E 351 -15.38 0.70 46.28
CA PHE E 351 -15.69 1.76 45.33
C PHE E 351 -14.42 2.34 44.74
N MET E 352 -13.58 2.94 45.58
CA MET E 352 -12.35 3.59 45.12
C MET E 352 -11.30 2.60 44.66
N THR E 353 -11.60 1.31 44.64
CA THR E 353 -10.67 0.33 44.11
C THR E 353 -11.13 -0.22 42.77
N SER E 354 -12.44 -0.36 42.58
CA SER E 354 -12.96 -1.02 41.40
C SER E 354 -13.61 -0.07 40.41
N PHE E 355 -14.19 1.05 40.86
CA PHE E 355 -14.88 1.94 39.93
C PHE E 355 -14.20 3.30 39.81
N TYR E 356 -13.93 3.93 40.95
CA TYR E 356 -13.49 5.33 40.93
C TYR E 356 -12.15 5.52 40.23
N ILE E 357 -11.10 4.88 40.72
CA ILE E 357 -9.76 5.08 40.16
C ILE E 357 -9.72 4.70 38.69
N PRO E 358 -10.20 3.52 38.28
CA PRO E 358 -10.27 3.26 36.82
C PRO E 358 -11.23 4.19 36.11
N GLY E 359 -12.37 4.51 36.74
CA GLY E 359 -13.29 5.45 36.14
C GLY E 359 -12.69 6.83 35.98
N SER E 360 -11.98 7.31 37.00
CA SER E 360 -11.33 8.61 36.90
C SER E 360 -10.23 8.58 35.85
N ILE E 361 -9.51 7.46 35.75
CA ILE E 361 -8.48 7.34 34.72
C ILE E 361 -9.09 7.45 33.33
N MET E 362 -10.17 6.69 33.09
CA MET E 362 -10.83 6.76 31.80
C MET E 362 -11.38 8.16 31.54
N LEU E 363 -11.95 8.80 32.55
CA LEU E 363 -12.53 10.12 32.38
C LEU E 363 -11.46 11.13 31.97
N CYS E 364 -10.32 11.07 32.65
CA CYS E 364 -9.25 12.04 32.34
C CYS E 364 -8.59 11.70 31.00
N VAL E 365 -8.54 10.42 30.61
CA VAL E 365 -7.82 10.06 29.36
C VAL E 365 -8.83 9.96 28.22
N TYR E 366 -10.07 10.37 28.46
CA TYR E 366 -11.08 10.44 27.37
C TYR E 366 -11.36 11.92 27.17
N TYR E 367 -11.21 12.71 28.24
CA TYR E 367 -11.36 14.15 28.11
C TYR E 367 -10.17 14.76 27.36
N ARG E 368 -8.95 14.34 27.71
CA ARG E 368 -7.78 14.84 26.99
C ARG E 368 -7.82 14.41 25.53
N ILE E 369 -8.23 13.17 25.26
CA ILE E 369 -8.31 12.68 23.89
C ILE E 369 -9.39 13.45 23.12
N TYR E 370 -10.51 13.76 23.77
CA TYR E 370 -11.54 14.54 23.12
C TYR E 370 -11.04 15.93 22.77
N LEU E 371 -10.30 16.56 23.69
CA LEU E 371 -9.72 17.87 23.38
C LEU E 371 -8.80 17.78 22.18
N ILE E 372 -7.92 16.77 22.16
CA ILE E 372 -6.98 16.63 21.05
C ILE E 372 -7.72 16.41 19.73
N ALA E 373 -8.71 15.51 19.74
CA ALA E 373 -9.44 15.19 18.53
C ALA E 373 -10.24 16.37 18.01
N LYS E 374 -10.93 17.07 18.90
CA LYS E 374 -11.64 18.30 18.44
C LYS E 374 -10.63 19.26 17.83
N GLU E 375 -9.55 19.57 18.56
CA GLU E 375 -8.61 20.54 18.04
C GLU E 375 -8.11 20.15 16.65
N GLN E 376 -7.78 18.86 16.46
CA GLN E 376 -7.32 18.41 15.16
C GLN E 376 -8.42 18.53 14.10
N ALA E 377 -9.65 18.18 14.46
CA ALA E 377 -10.75 18.31 13.51
C ALA E 377 -10.99 19.76 13.12
N ARG E 378 -10.87 20.66 14.10
CA ARG E 378 -11.06 22.10 13.83
C ARG E 378 -9.95 22.55 12.88
N LEU E 379 -8.70 22.18 13.13
CA LEU E 379 -7.59 22.67 12.28
C LEU E 379 -7.86 22.25 10.82
N ILE E 380 -8.18 20.98 10.61
CA ILE E 380 -8.44 20.49 9.22
C ILE E 380 -9.56 21.33 8.61
N SER E 381 -10.67 21.48 9.33
CA SER E 381 -11.83 22.23 8.78
C SER E 381 -11.41 23.65 8.40
N ASP E 382 -10.67 24.33 9.25
CA ASP E 382 -10.29 25.74 8.98
C ASP E 382 -9.37 25.78 7.75
N ALA E 383 -8.38 24.90 7.68
CA ALA E 383 -7.53 24.85 6.46
C ALA E 383 -8.43 24.73 5.23
N ASN E 384 -9.36 23.76 5.26
CA ASN E 384 -10.22 23.53 4.08
C ASN E 384 -10.99 24.81 3.73
N GLN E 385 -11.67 25.42 4.70
CA GLN E 385 -12.52 26.60 4.37
C GLN E 385 -11.64 27.74 3.84
N LYS E 386 -10.43 27.89 4.39
CA LYS E 386 -9.51 28.95 3.95
C LYS E 386 -9.13 28.73 2.49
N ARG E 403 -16.87 15.47 13.67
CA ARG E 403 -17.05 15.32 15.14
C ARG E 403 -17.29 13.84 15.46
N LYS E 404 -16.69 12.94 14.69
CA LYS E 404 -16.88 11.48 14.93
C LYS E 404 -16.39 11.15 16.34
N ALA E 405 -15.30 11.78 16.79
CA ALA E 405 -14.78 11.54 18.16
C ALA E 405 -15.93 11.72 19.16
N VAL E 406 -16.68 12.82 19.05
CA VAL E 406 -17.83 13.06 19.96
C VAL E 406 -18.68 11.79 20.00
N LYS E 407 -19.09 11.29 18.84
CA LYS E 407 -19.88 10.06 18.79
C LYS E 407 -19.15 8.90 19.47
N THR E 408 -17.88 8.69 19.11
CA THR E 408 -17.17 7.52 19.62
C THR E 408 -16.96 7.61 21.13
N LEU E 409 -16.42 8.74 21.60
CA LEU E 409 -16.18 8.88 23.03
C LEU E 409 -17.49 8.92 23.81
N GLY E 410 -18.55 9.47 23.22
CA GLY E 410 -19.84 9.41 23.86
C GLY E 410 -20.32 7.99 24.03
N ILE E 411 -20.21 7.18 22.98
CA ILE E 411 -20.62 5.77 23.09
C ILE E 411 -19.83 5.10 24.20
N VAL E 412 -18.51 5.25 24.18
CA VAL E 412 -17.66 4.53 25.15
C VAL E 412 -18.00 4.96 26.57
N MET E 413 -17.85 6.27 26.85
CA MET E 413 -18.04 6.74 28.22
C MET E 413 -19.48 6.60 28.67
N GLY E 414 -20.45 6.82 27.79
CA GLY E 414 -21.84 6.65 28.16
C GLY E 414 -22.15 5.21 28.53
N VAL E 415 -21.67 4.26 27.74
CA VAL E 415 -21.91 2.85 28.08
C VAL E 415 -21.29 2.54 29.45
N PHE E 416 -20.03 2.96 29.65
CA PHE E 416 -19.37 2.64 30.91
C PHE E 416 -20.10 3.27 32.10
N LEU E 417 -20.42 4.55 32.01
CA LEU E 417 -21.08 5.23 33.11
C LEU E 417 -22.47 4.68 33.38
N ILE E 418 -23.30 4.60 32.34
CA ILE E 418 -24.68 4.14 32.54
C ILE E 418 -24.71 2.70 33.04
N CYS E 419 -23.67 1.91 32.73
CA CYS E 419 -23.69 0.53 33.17
C CYS E 419 -22.98 0.29 34.50
N TRP E 420 -22.16 1.22 34.98
CA TRP E 420 -21.53 1.03 36.28
C TRP E 420 -21.94 2.04 37.33
N CYS E 421 -21.85 3.34 37.02
CA CYS E 421 -21.98 4.38 38.03
C CYS E 421 -23.23 4.27 38.90
N PRO E 422 -24.44 4.00 38.36
CA PRO E 422 -25.59 3.81 39.26
C PRO E 422 -25.36 2.75 40.32
N PHE E 423 -24.89 1.56 39.90
CA PHE E 423 -24.69 0.48 40.87
C PHE E 423 -23.70 0.89 41.94
N PHE E 424 -22.59 1.51 41.54
CA PHE E 424 -21.55 1.80 42.52
C PHE E 424 -21.98 2.92 43.48
N ILE E 425 -22.65 3.95 42.97
CA ILE E 425 -23.09 5.01 43.86
C ILE E 425 -24.14 4.48 44.83
N CYS E 426 -25.10 3.67 44.36
CA CYS E 426 -26.07 3.10 45.28
C CYS E 426 -25.43 2.16 46.29
N THR E 427 -24.42 1.40 45.86
CA THR E 427 -23.71 0.53 46.80
C THR E 427 -23.01 1.35 47.87
N VAL E 428 -22.40 2.48 47.50
CA VAL E 428 -21.73 3.31 48.48
C VAL E 428 -22.71 3.95 49.44
N MET E 429 -23.89 4.37 48.95
CA MET E 429 -24.83 5.06 49.83
C MET E 429 -25.40 4.13 50.90
N ASP E 430 -25.52 2.84 50.60
CA ASP E 430 -26.19 1.91 51.51
C ASP E 430 -25.57 1.86 52.91
N PRO E 431 -24.24 1.72 53.08
CA PRO E 431 -23.70 1.81 54.44
C PRO E 431 -23.98 3.14 55.11
N PHE E 432 -23.98 4.23 54.35
CA PHE E 432 -24.22 5.56 54.88
C PHE E 432 -25.69 5.93 54.96
N LEU E 433 -26.57 5.13 54.34
CA LEU E 433 -28.00 5.40 54.35
C LEU E 433 -28.75 4.25 55.03
N HIS E 434 -28.06 3.53 55.91
CA HIS E 434 -28.64 2.48 56.75
C HIS E 434 -29.31 1.37 55.92
N TYR E 435 -28.74 1.06 54.77
CA TYR E 435 -29.27 -0.08 54.00
C TYR E 435 -30.75 0.09 53.73
N ILE E 436 -31.12 1.10 52.94
CA ILE E 436 -32.54 1.31 52.68
C ILE E 436 -33.04 0.86 51.32
N ILE E 437 -32.19 0.76 50.30
CA ILE E 437 -32.64 0.53 48.93
C ILE E 437 -33.26 -0.87 48.79
N PRO E 438 -34.27 -1.03 47.94
CA PRO E 438 -34.91 -2.34 47.81
C PRO E 438 -34.00 -3.32 47.09
N PRO E 439 -34.17 -4.62 47.33
CA PRO E 439 -33.35 -5.62 46.63
C PRO E 439 -33.52 -5.59 45.11
N THR E 440 -34.72 -5.28 44.61
CA THR E 440 -34.93 -5.24 43.17
C THR E 440 -34.07 -4.16 42.52
N LEU E 441 -33.89 -3.04 43.21
CA LEU E 441 -32.97 -2.01 42.73
C LEU E 441 -31.56 -2.57 42.62
N ASN E 442 -31.13 -3.34 43.62
CA ASN E 442 -29.82 -3.98 43.55
C ASN E 442 -29.74 -4.91 42.36
N ASP E 443 -30.83 -5.64 42.08
CA ASP E 443 -30.85 -6.53 40.92
C ASP E 443 -30.67 -5.76 39.62
N VAL E 444 -31.39 -4.66 39.48
CA VAL E 444 -31.29 -3.86 38.25
C VAL E 444 -29.88 -3.30 38.09
N LEU E 445 -29.31 -2.79 39.19
CA LEU E 445 -27.95 -2.25 39.13
C LEU E 445 -26.94 -3.33 38.78
N ILE E 446 -27.08 -4.52 39.37
CA ILE E 446 -26.16 -5.61 39.10
C ILE E 446 -26.23 -6.01 37.64
N TRP E 447 -27.42 -6.10 37.08
CA TRP E 447 -27.50 -6.52 35.69
C TRP E 447 -27.15 -5.40 34.72
N PHE E 448 -27.19 -4.14 35.15
CA PHE E 448 -26.56 -3.09 34.36
C PHE E 448 -25.04 -3.25 34.35
N GLY E 449 -24.47 -3.58 35.51
CA GLY E 449 -23.05 -3.89 35.55
C GLY E 449 -22.68 -5.04 34.63
N TYR E 450 -23.55 -6.04 34.53
CA TYR E 450 -23.34 -7.13 33.58
C TYR E 450 -23.54 -6.67 32.14
N LEU E 451 -24.49 -5.78 31.90
CA LEU E 451 -24.70 -5.25 30.56
C LEU E 451 -23.48 -4.49 30.07
N ASN E 452 -22.68 -3.94 30.97
CA ASN E 452 -21.43 -3.32 30.54
C ASN E 452 -20.56 -4.36 29.83
N SER E 453 -20.39 -5.53 30.45
CA SER E 453 -19.60 -6.58 29.83
C SER E 453 -20.29 -7.13 28.60
N THR E 454 -21.62 -7.04 28.55
CA THR E 454 -22.34 -7.42 27.34
C THR E 454 -21.98 -6.51 26.17
N PHE E 455 -21.89 -5.20 26.41
CA PHE E 455 -21.65 -4.24 25.36
C PHE E 455 -20.17 -3.95 25.13
N ASN E 456 -19.28 -4.45 25.99
CA ASN E 456 -17.85 -4.26 25.77
C ASN E 456 -17.36 -4.86 24.45
N PRO E 457 -17.66 -6.11 24.11
CA PRO E 457 -17.21 -6.63 22.81
C PRO E 457 -17.76 -5.84 21.64
N MET E 458 -18.95 -5.26 21.77
CA MET E 458 -19.43 -4.37 20.72
C MET E 458 -18.59 -3.10 20.68
N VAL E 459 -18.60 -2.34 21.77
CA VAL E 459 -18.01 -1.00 21.77
C VAL E 459 -16.54 -1.05 21.38
N TYR E 460 -15.77 -1.97 21.96
CA TYR E 460 -14.33 -1.93 21.78
C TYR E 460 -13.84 -2.73 20.58
N ALA E 461 -14.65 -3.64 20.03
CA ALA E 461 -14.22 -4.42 18.87
C ALA E 461 -15.08 -4.14 17.63
N PHE E 462 -16.39 -4.32 17.70
CA PHE E 462 -17.21 -4.26 16.50
C PHE E 462 -17.27 -2.84 15.94
N PHE E 463 -17.13 -1.85 16.80
CA PHE E 463 -17.26 -0.45 16.40
C PHE E 463 -16.20 -0.08 15.36
N TYR E 464 -14.96 -0.50 15.57
CA TYR E 464 -13.87 -0.08 14.72
C TYR E 464 -13.84 -0.89 13.42
N PRO E 465 -13.57 -0.24 12.28
CA PRO E 465 -13.63 -0.95 10.99
C PRO E 465 -12.65 -2.11 10.89
N TRP E 466 -11.48 -2.02 11.52
CA TRP E 466 -10.47 -3.06 11.39
C TRP E 466 -10.94 -4.41 11.93
N PHE E 467 -12.01 -4.42 12.73
CA PHE E 467 -12.56 -5.68 13.23
C PHE E 467 -13.75 -6.15 12.40
N ARG E 468 -14.60 -5.22 11.97
CA ARG E 468 -15.76 -5.59 11.18
C ARG E 468 -15.35 -6.26 9.87
N LYS E 469 -14.33 -5.72 9.21
CA LYS E 469 -13.85 -6.33 7.97
C LYS E 469 -13.16 -7.67 8.25
N ALA E 470 -12.34 -7.72 9.30
CA ALA E 470 -11.61 -8.95 9.60
C ALA E 470 -12.55 -10.09 9.90
N LEU E 471 -13.61 -9.83 10.67
CA LEU E 471 -14.61 -10.86 10.95
C LEU E 471 -15.28 -11.32 9.67
N LYS E 472 -15.46 -10.42 8.70
CA LYS E 472 -16.15 -10.80 7.47
C LYS E 472 -15.30 -11.72 6.60
N MET E 473 -13.98 -11.69 6.80
CA MET E 473 -13.11 -12.66 6.12
C MET E 473 -13.48 -14.09 6.49
N MET E 474 -13.72 -14.35 7.77
CA MET E 474 -14.15 -15.66 8.23
C MET E 474 -15.66 -15.76 8.38
N LEU E 475 -16.41 -14.71 8.05
CA LEU E 475 -17.85 -14.69 8.18
C LEU E 475 -18.46 -13.60 7.33
#